data_2XVO
#
_entry.id   2XVO
#
_cell.length_a   77.750
_cell.length_b   90.290
_cell.length_c   111.650
_cell.angle_alpha   90.00
_cell.angle_beta   90.00
_cell.angle_gamma   90.00
#
_symmetry.space_group_name_H-M   'P 21 21 21'
#
loop_
_entity.id
_entity.type
_entity.pdbx_description
1 polymer SSO1725
2 non-polymer 'SULFATE ION'
3 non-polymer BETA-MERCAPTOETHANOL
4 water water
#
_entity_poly.entity_id   1
_entity_poly.type   'polypeptide(L)'
_entity_poly.pdbx_seq_one_letter_code
;GAMGSPGGSQQVEWVFIPVIKDVTYEFKVDNNDNITELYVNGNKLGPASSLEMDFYFDVDVSNNQVRKFNNVFVLFGVIA
TKDSNKIKMQLTLNPCDFVRGFVFPSQDPSQLNNIFASNNKVSVSEKAFAILNRKKEGAVSSTINVYITQNTYTGNTKIE
KIQQNTIIIEKNTGIVFKIPNDMLNIFRYSTT
;
_entity_poly.pdbx_strand_id   A,B,C,D
#
# COMPACT_ATOMS: atom_id res chain seq x y z
N SER A 9 0.08 3.10 22.77
CA SER A 9 -0.87 2.58 21.75
C SER A 9 -0.28 2.61 20.33
N GLN A 10 0.70 3.48 20.09
CA GLN A 10 1.43 3.52 18.81
C GLN A 10 2.50 2.40 18.70
N GLN A 11 2.71 1.67 19.80
CA GLN A 11 3.65 0.55 19.84
C GLN A 11 2.92 -0.77 19.54
N VAL A 12 1.63 -0.68 19.35
CA VAL A 12 0.83 -1.84 18.97
C VAL A 12 0.78 -2.02 17.44
N GLU A 13 0.61 -3.28 17.04
CA GLU A 13 0.42 -3.65 15.65
C GLU A 13 -0.91 -3.05 15.20
N TRP A 14 -0.89 -2.06 14.30
CA TRP A 14 -2.16 -1.74 13.65
C TRP A 14 -2.21 -2.42 12.31
N VAL A 15 -3.36 -3.01 12.02
CA VAL A 15 -3.55 -3.78 10.80
C VAL A 15 -4.62 -3.15 9.94
N PHE A 16 -4.40 -3.18 8.61
CA PHE A 16 -5.40 -2.74 7.64
C PHE A 16 -6.40 -3.86 7.38
N ILE A 17 -7.70 -3.56 7.50
CA ILE A 17 -8.76 -4.53 7.22
C ILE A 17 -9.60 -4.03 6.04
N PRO A 18 -9.40 -4.62 4.84
CA PRO A 18 -10.24 -4.25 3.71
C PRO A 18 -11.70 -4.56 3.98
N VAL A 19 -12.59 -3.67 3.56
CA VAL A 19 -14.03 -3.88 3.64
C VAL A 19 -14.52 -4.22 2.23
N ILE A 20 -14.87 -5.49 2.04
CA ILE A 20 -15.20 -6.00 0.70
C ILE A 20 -16.50 -6.80 0.69
N LYS A 21 -16.94 -7.09 -0.53
CA LYS A 21 -18.18 -7.78 -0.78
C LYS A 21 -18.10 -9.20 -0.21
N ASP A 22 -19.23 -9.66 0.31
CA ASP A 22 -19.41 -11.01 0.84
C ASP A 22 -18.54 -11.33 2.07
N VAL A 23 -18.07 -10.29 2.76
CA VAL A 23 -17.50 -10.44 4.08
C VAL A 23 -18.39 -9.60 5.01
N THR A 24 -18.64 -10.13 6.22
CA THR A 24 -19.43 -9.40 7.23
C THR A 24 -18.49 -8.90 8.33
N TYR A 25 -18.69 -7.65 8.70
CA TYR A 25 -17.86 -6.97 9.71
C TYR A 25 -18.77 -6.56 10.84
N GLU A 26 -18.56 -7.16 12.01
CA GLU A 26 -19.40 -6.94 13.19
C GLU A 26 -18.57 -6.31 14.28
N PHE A 27 -18.93 -5.09 14.64
CA PHE A 27 -18.28 -4.38 15.73
C PHE A 27 -19.12 -4.50 17.00
N LYS A 28 -18.52 -4.97 18.08
CA LYS A 28 -19.20 -5.06 19.37
C LYS A 28 -18.84 -3.84 20.19
N VAL A 29 -19.86 -3.10 20.65
CA VAL A 29 -19.68 -1.84 21.34
C VAL A 29 -20.26 -2.00 22.75
N ASP A 30 -19.49 -1.63 23.78
CA ASP A 30 -19.93 -1.78 25.17
C ASP A 30 -20.66 -0.53 25.68
N ASN A 31 -21.06 -0.57 26.95
CA ASN A 31 -21.80 0.51 27.60
C ASN A 31 -21.03 1.82 27.74
N ASN A 32 -19.69 1.74 27.65
CA ASN A 32 -18.83 2.92 27.63
C ASN A 32 -18.52 3.45 26.20
N ASP A 33 -19.22 2.93 25.19
CA ASP A 33 -18.99 3.28 23.77
C ASP A 33 -17.59 2.93 23.27
N ASN A 34 -17.03 1.87 23.82
CA ASN A 34 -15.79 1.33 23.35
C ASN A 34 -16.05 0.04 22.57
N ILE A 35 -15.24 -0.19 21.55
CA ILE A 35 -15.25 -1.42 20.77
C ILE A 35 -14.53 -2.53 21.54
N THR A 36 -15.25 -3.57 21.88
CA THR A 36 -14.69 -4.69 22.62
C THR A 36 -14.20 -5.80 21.69
N GLU A 37 -14.81 -5.93 20.52
CA GLU A 37 -14.38 -6.92 19.53
C GLU A 37 -14.79 -6.52 18.14
N LEU A 38 -14.03 -6.98 17.16
CA LEU A 38 -14.44 -6.96 15.76
C LEU A 38 -14.44 -8.42 15.28
N TYR A 39 -15.54 -8.83 14.68
CA TYR A 39 -15.64 -10.14 14.05
C TYR A 39 -15.67 -9.93 12.54
N VAL A 40 -14.75 -10.58 11.85
CA VAL A 40 -14.69 -10.53 10.39
C VAL A 40 -15.05 -11.93 9.90
N ASN A 41 -16.19 -12.05 9.20
CA ASN A 41 -16.71 -13.35 8.82
C ASN A 41 -16.75 -14.34 9.97
N GLY A 42 -17.14 -13.85 11.15
CA GLY A 42 -17.25 -14.66 12.35
C GLY A 42 -15.96 -14.94 13.11
N ASN A 43 -14.82 -14.46 12.60
CA ASN A 43 -13.53 -14.64 13.26
C ASN A 43 -13.25 -13.47 14.19
N LYS A 44 -13.01 -13.78 15.45
CA LYS A 44 -12.85 -12.75 16.49
C LYS A 44 -11.49 -12.06 16.40
N LEU A 45 -11.53 -10.73 16.53
CA LEU A 45 -10.34 -9.92 16.56
C LEU A 45 -10.47 -9.02 17.79
N GLY A 46 -9.63 -9.27 18.79
CA GLY A 46 -9.61 -8.46 20.03
C GLY A 46 -8.75 -7.21 19.88
N PRO A 47 -9.23 -6.05 20.37
CA PRO A 47 -8.42 -4.83 20.34
C PRO A 47 -7.37 -4.81 21.44
N ALA A 48 -6.16 -4.38 21.10
CA ALA A 48 -5.07 -4.31 22.08
C ALA A 48 -5.30 -3.15 23.02
N SER A 49 -5.70 -2.05 22.43
CA SER A 49 -5.87 -0.80 23.14
C SER A 49 -7.35 -0.68 23.41
N SER A 50 -7.76 0.07 24.44
CA SER A 50 -9.14 0.53 24.53
C SER A 50 -9.37 1.42 23.29
N LEU A 51 -10.53 1.26 22.68
CA LEU A 51 -10.77 1.73 21.33
C LEU A 51 -12.15 2.32 21.28
N GLU A 52 -12.22 3.63 21.11
CA GLU A 52 -13.47 4.34 21.07
C GLU A 52 -14.26 4.06 19.79
N MET A 53 -15.57 3.90 19.94
CA MET A 53 -16.47 3.66 18.82
C MET A 53 -16.34 4.77 17.78
N ASP A 54 -16.12 5.99 18.23
CA ASP A 54 -16.07 7.13 17.30
C ASP A 54 -14.79 7.22 16.46
N PHE A 55 -13.81 6.35 16.75
CA PHE A 55 -12.70 6.15 15.85
C PHE A 55 -13.18 5.61 14.49
N TYR A 56 -14.25 4.82 14.51
CA TYR A 56 -14.83 4.25 13.29
C TYR A 56 -16.14 4.86 12.83
N PHE A 57 -17.00 5.26 13.75
CA PHE A 57 -18.35 5.75 13.40
C PHE A 57 -18.77 6.91 14.25
N ASP A 58 -19.37 7.88 13.59
CA ASP A 58 -20.05 8.98 14.23
C ASP A 58 -21.51 8.61 14.30
N VAL A 59 -21.99 8.34 15.51
CA VAL A 59 -23.35 7.88 15.69
C VAL A 59 -24.21 8.99 16.26
N ASP A 60 -25.40 9.16 15.67
CA ASP A 60 -26.47 9.92 16.27
C ASP A 60 -27.18 9.01 17.27
N VAL A 61 -26.78 9.14 18.53
CA VAL A 61 -27.30 8.25 19.57
C VAL A 61 -28.82 8.36 19.69
N SER A 62 -29.35 9.58 19.54
CA SER A 62 -30.78 9.84 19.70
C SER A 62 -31.70 9.03 18.78
N ASN A 63 -31.33 8.87 17.52
CA ASN A 63 -32.13 8.00 16.62
C ASN A 63 -31.33 6.81 16.12
N ASN A 64 -30.27 6.45 16.85
CA ASN A 64 -29.63 5.16 16.65
C ASN A 64 -29.05 4.96 15.26
N GLN A 65 -28.49 6.02 14.70
CA GLN A 65 -28.05 6.02 13.33
C GLN A 65 -26.62 6.50 13.15
N VAL A 66 -25.90 5.83 12.26
CA VAL A 66 -24.56 6.27 11.88
C VAL A 66 -24.71 7.49 10.97
N ARG A 67 -23.96 8.55 11.29
CA ARG A 67 -23.91 9.79 10.50
C ARG A 67 -22.82 9.72 9.45
N LYS A 68 -21.68 9.16 9.84
CA LYS A 68 -20.57 8.97 8.94
C LYS A 68 -19.60 7.98 9.50
N PHE A 69 -18.80 7.42 8.60
CA PHE A 69 -17.68 6.58 8.97
C PHE A 69 -16.44 7.45 9.11
N ASN A 70 -15.66 7.20 10.15
CA ASN A 70 -14.45 7.95 10.41
C ASN A 70 -13.25 7.08 10.07
N ASN A 71 -12.15 7.74 9.75
CA ASN A 71 -10.87 7.07 9.54
C ASN A 71 -10.95 5.90 8.55
N VAL A 72 -11.53 6.16 7.39
CA VAL A 72 -11.61 5.18 6.32
C VAL A 72 -10.30 5.27 5.57
N PHE A 73 -9.51 4.20 5.63
CA PHE A 73 -8.19 4.17 5.02
C PHE A 73 -8.28 3.67 3.58
N VAL A 74 -7.52 4.32 2.69
CA VAL A 74 -7.51 3.95 1.27
C VAL A 74 -6.07 3.63 0.83
N LEU A 75 -5.86 2.41 0.33
CA LEU A 75 -4.59 1.97 -0.20
C LEU A 75 -4.68 1.83 -1.73
N PHE A 76 -3.78 2.51 -2.44
CA PHE A 76 -3.75 2.50 -3.89
C PHE A 76 -2.74 1.51 -4.41
N GLY A 77 -2.99 1.00 -5.62
CA GLY A 77 -2.07 0.05 -6.26
C GLY A 77 -2.29 -1.38 -5.82
N VAL A 78 -3.46 -1.65 -5.25
CA VAL A 78 -3.81 -2.99 -4.78
C VAL A 78 -5.25 -3.31 -5.13
N ILE A 79 -5.57 -4.60 -5.17
CA ILE A 79 -6.95 -5.08 -5.36
C ILE A 79 -7.27 -6.07 -4.26
N ALA A 80 -8.55 -6.35 -4.07
CA ALA A 80 -8.98 -7.30 -3.07
C ALA A 80 -10.01 -8.25 -3.65
N THR A 81 -9.99 -9.49 -3.17
CA THR A 81 -11.00 -10.47 -3.51
C THR A 81 -11.25 -11.32 -2.29
N LYS A 82 -12.34 -12.07 -2.34
CA LYS A 82 -12.66 -13.05 -1.32
C LYS A 82 -12.15 -14.39 -1.85
N ASP A 83 -11.29 -15.06 -1.08
CA ASP A 83 -10.73 -16.36 -1.45
C ASP A 83 -11.00 -17.35 -0.33
N SER A 84 -11.83 -18.35 -0.63
CA SER A 84 -12.40 -19.22 0.40
C SER A 84 -13.21 -18.32 1.34
N ASN A 85 -12.93 -18.35 2.63
CA ASN A 85 -13.63 -17.48 3.57
C ASN A 85 -12.79 -16.28 3.99
N LYS A 86 -11.71 -16.04 3.23
CA LYS A 86 -10.70 -15.07 3.63
C LYS A 86 -10.53 -13.92 2.66
N ILE A 87 -9.94 -12.84 3.17
CA ILE A 87 -9.66 -11.66 2.37
C ILE A 87 -8.33 -11.87 1.68
N LYS A 88 -8.31 -11.75 0.35
CA LYS A 88 -7.09 -11.85 -0.42
C LYS A 88 -6.79 -10.50 -1.06
N MET A 89 -5.63 -9.93 -0.73
CA MET A 89 -5.22 -8.68 -1.34
C MET A 89 -4.02 -8.95 -2.22
N GLN A 90 -3.98 -8.31 -3.39
CA GLN A 90 -2.88 -8.45 -4.31
C GLN A 90 -2.36 -7.10 -4.79
N LEU A 91 -1.05 -7.01 -4.97
CA LEU A 91 -0.37 -5.84 -5.53
C LEU A 91 -0.58 -5.78 -7.03
N THR A 92 -0.99 -4.62 -7.54
CA THR A 92 -0.98 -4.34 -8.99
C THR A 92 -0.04 -3.19 -9.36
N LEU A 93 0.22 -2.29 -8.40
CA LEU A 93 0.99 -1.05 -8.62
C LEU A 93 0.31 -0.09 -9.60
N ASN A 94 -0.94 -0.37 -9.97
CA ASN A 94 -1.74 0.53 -10.78
C ASN A 94 -2.45 1.55 -9.87
N PRO A 95 -2.14 2.85 -10.02
CA PRO A 95 -2.70 3.85 -9.10
C PRO A 95 -4.22 3.99 -9.23
N CYS A 96 -4.80 3.53 -10.34
CA CYS A 96 -6.25 3.52 -10.52
C CYS A 96 -6.92 2.41 -9.71
N ASP A 97 -6.16 1.42 -9.26
CA ASP A 97 -6.65 0.41 -8.34
C ASP A 97 -6.57 0.88 -6.89
N PHE A 98 -7.60 0.59 -6.10
CA PHE A 98 -7.58 0.91 -4.67
C PHE A 98 -8.42 -0.05 -3.87
N VAL A 99 -8.09 -0.19 -2.58
CA VAL A 99 -8.90 -0.96 -1.63
C VAL A 99 -9.10 -0.11 -0.37
N ARG A 100 -10.35 -0.02 0.08
CA ARG A 100 -10.70 0.81 1.25
C ARG A 100 -11.06 -0.04 2.46
N GLY A 101 -10.90 0.50 3.66
CA GLY A 101 -11.17 -0.27 4.86
C GLY A 101 -10.85 0.48 6.14
N PHE A 102 -10.69 -0.29 7.21
CA PHE A 102 -10.38 0.24 8.55
C PHE A 102 -8.99 -0.13 8.93
N VAL A 103 -8.44 0.56 9.93
CA VAL A 103 -7.29 0.04 10.66
C VAL A 103 -7.72 -0.39 12.06
N PHE A 104 -7.06 -1.40 12.60
CA PHE A 104 -7.46 -2.02 13.87
C PHE A 104 -6.22 -2.37 14.70
N PRO A 105 -6.23 -2.05 16.02
CA PRO A 105 -5.08 -2.36 16.87
C PRO A 105 -5.13 -3.79 17.41
N SER A 106 -4.55 -4.73 16.71
CA SER A 106 -4.66 -6.14 17.15
CA SER A 106 -4.63 -6.14 17.14
C SER A 106 -3.94 -6.47 18.48
N GLN A 107 -4.72 -6.93 19.48
CA GLN A 107 -4.17 -7.43 20.78
C GLN A 107 -3.41 -8.73 20.54
N ASP A 108 -3.93 -9.54 19.63
CA ASP A 108 -3.42 -10.88 19.37
C ASP A 108 -3.34 -11.15 17.86
N PRO A 109 -2.22 -10.75 17.22
CA PRO A 109 -2.09 -10.90 15.77
C PRO A 109 -2.32 -12.32 15.22
N SER A 110 -1.96 -13.34 15.98
CA SER A 110 -2.24 -14.73 15.55
C SER A 110 -3.70 -15.02 15.10
N GLN A 111 -4.67 -14.22 15.59
CA GLN A 111 -6.14 -14.19 15.17
C GLN A 111 -6.35 -13.74 13.67
N LEU A 112 -5.40 -12.95 13.21
CA LEU A 112 -5.39 -12.43 11.84
C LEU A 112 -5.22 -13.51 10.76
N ASN A 113 -4.58 -14.62 11.11
CA ASN A 113 -4.37 -15.70 10.13
C ASN A 113 -5.67 -16.38 9.65
N ASN A 114 -6.68 -16.40 10.51
CA ASN A 114 -8.02 -16.88 10.11
C ASN A 114 -8.77 -15.93 9.16
N ILE A 115 -8.38 -14.66 9.15
CA ILE A 115 -9.08 -13.64 8.39
C ILE A 115 -8.51 -13.41 6.99
N PHE A 116 -7.19 -13.56 6.85
CA PHE A 116 -6.52 -13.26 5.59
C PHE A 116 -6.04 -14.50 4.86
N ALA A 117 -6.07 -14.44 3.52
CA ALA A 117 -5.70 -15.58 2.69
C ALA A 117 -4.21 -15.87 2.74
N SER A 118 -3.39 -14.84 2.96
CA SER A 118 -1.94 -15.01 3.06
C SER A 118 -1.45 -14.82 4.49
N ASN A 119 -0.45 -15.58 4.90
CA ASN A 119 0.32 -15.25 6.10
C ASN A 119 1.21 -14.04 5.83
N ASN A 120 1.56 -13.85 4.56
CA ASN A 120 2.44 -12.78 4.13
C ASN A 120 1.88 -11.41 4.43
N LYS A 121 2.59 -10.66 5.26
CA LYS A 121 2.25 -9.30 5.55
C LYS A 121 3.48 -8.43 5.40
N VAL A 122 3.26 -7.17 5.07
CA VAL A 122 4.32 -6.19 5.00
C VAL A 122 3.90 -4.95 5.78
N SER A 123 4.89 -4.23 6.30
CA SER A 123 4.66 -2.93 6.89
C SER A 123 4.60 -1.86 5.79
N VAL A 124 3.59 -1.00 5.88
CA VAL A 124 3.41 0.08 4.95
C VAL A 124 3.31 1.37 5.75
N SER A 125 4.00 2.40 5.31
CA SER A 125 3.99 3.66 6.00
C SER A 125 2.57 4.17 6.09
N GLU A 126 2.23 4.73 7.23
CA GLU A 126 0.93 5.30 7.41
C GLU A 126 0.69 6.44 6.42
N LYS A 127 1.76 7.12 6.02
CA LYS A 127 1.65 8.20 5.05
C LYS A 127 1.27 7.75 3.63
N ALA A 128 1.38 6.45 3.35
CA ALA A 128 1.02 5.89 2.05
C ALA A 128 -0.48 5.88 1.77
N PHE A 129 -1.27 5.83 2.84
CA PHE A 129 -2.71 5.71 2.73
C PHE A 129 -3.36 7.06 2.63
N ALA A 130 -4.46 7.16 1.88
CA ALA A 130 -5.37 8.28 2.05
C ALA A 130 -6.27 7.92 3.24
N ILE A 131 -6.62 8.91 4.06
CA ILE A 131 -7.52 8.67 5.19
C ILE A 131 -8.67 9.64 5.06
N LEU A 132 -9.86 9.10 4.88
CA LEU A 132 -11.06 9.91 4.71
C LEU A 132 -11.70 10.11 6.06
N ASN A 133 -12.27 11.29 6.27
CA ASN A 133 -12.93 11.64 7.53
C ASN A 133 -12.03 11.37 8.71
N ARG A 134 -10.79 11.85 8.63
CA ARG A 134 -9.83 11.68 9.72
C ARG A 134 -10.40 12.23 11.00
N LYS A 135 -10.23 11.50 12.11
CA LYS A 135 -10.64 11.98 13.42
C LYS A 135 -9.88 11.27 14.53
N LYS A 136 -9.12 12.05 15.31
CA LYS A 136 -8.41 11.55 16.48
C LYS A 136 -7.62 10.31 16.11
N GLU A 137 -6.84 10.45 15.04
CA GLU A 137 -6.17 9.34 14.40
C GLU A 137 -4.70 9.25 14.82
N GLY A 138 -4.31 10.12 15.75
CA GLY A 138 -2.95 10.14 16.27
C GLY A 138 -2.56 8.86 17.01
N ALA A 139 -3.56 8.09 17.47
CA ALA A 139 -3.31 6.81 18.13
C ALA A 139 -2.71 5.77 17.20
N VAL A 140 -3.02 5.85 15.91
CA VAL A 140 -2.55 4.85 14.94
C VAL A 140 -1.03 4.88 14.84
N SER A 141 -0.42 3.70 14.67
CA SER A 141 1.03 3.61 14.56
C SER A 141 1.51 4.23 13.24
N SER A 142 2.81 4.50 13.15
CA SER A 142 3.41 5.15 11.97
C SER A 142 3.56 4.20 10.78
N THR A 143 3.51 2.89 11.04
CA THR A 143 3.39 1.91 9.98
C THR A 143 2.18 1.01 10.26
N ILE A 144 1.59 0.52 9.18
CA ILE A 144 0.38 -0.31 9.21
C ILE A 144 0.73 -1.65 8.59
N ASN A 145 0.29 -2.72 9.22
CA ASN A 145 0.45 -4.05 8.65
C ASN A 145 -0.59 -4.33 7.61
N VAL A 146 -0.12 -4.74 6.44
CA VAL A 146 -0.98 -5.03 5.32
C VAL A 146 -0.73 -6.47 4.87
N TYR A 147 -1.80 -7.26 4.85
CA TYR A 147 -1.74 -8.66 4.43
C TYR A 147 -1.97 -8.78 2.92
N ILE A 148 -0.88 -9.03 2.21
CA ILE A 148 -0.88 -9.00 0.76
C ILE A 148 -0.13 -10.23 0.28
N THR A 149 -0.60 -10.90 -0.78
CA THR A 149 0.08 -12.10 -1.26
C THR A 149 1.37 -11.68 -1.95
N GLN A 150 2.20 -12.67 -2.24
CA GLN A 150 3.50 -12.41 -2.85
C GLN A 150 3.42 -12.34 -4.39
N ASN A 151 2.24 -12.62 -4.93
CA ASN A 151 2.03 -12.74 -6.35
C ASN A 151 1.24 -11.53 -6.85
N THR A 152 1.84 -10.75 -7.74
CA THR A 152 1.21 -9.60 -8.34
C THR A 152 0.03 -10.05 -9.21
N TYR A 153 -0.92 -9.14 -9.39
CA TYR A 153 -1.99 -9.37 -10.35
C TYR A 153 -1.81 -8.40 -11.52
N THR A 154 -1.76 -8.96 -12.73
CA THR A 154 -1.48 -8.21 -13.95
C THR A 154 -2.66 -8.23 -14.94
N GLY A 155 -3.78 -8.85 -14.55
CA GLY A 155 -4.99 -8.88 -15.39
C GLY A 155 -5.78 -7.58 -15.27
N ASN A 156 -6.94 -7.55 -15.92
CA ASN A 156 -7.85 -6.40 -15.82
C ASN A 156 -8.57 -6.38 -14.48
N THR A 157 -8.89 -5.19 -14.00
CA THR A 157 -9.57 -5.00 -12.74
C THR A 157 -10.86 -4.23 -12.99
N LYS A 158 -11.76 -4.27 -12.01
CA LYS A 158 -13.00 -3.51 -12.03
C LYS A 158 -13.34 -3.03 -10.62
N ILE A 159 -14.18 -2.01 -10.53
CA ILE A 159 -14.59 -1.44 -9.25
C ILE A 159 -15.86 -2.15 -8.78
N GLU A 160 -15.85 -2.57 -7.51
CA GLU A 160 -17.00 -3.25 -6.94
C GLU A 160 -17.48 -2.49 -5.73
N LYS A 161 -18.77 -2.61 -5.44
CA LYS A 161 -19.36 -2.02 -4.25
C LYS A 161 -19.71 -3.12 -3.21
N ILE A 162 -19.82 -2.74 -1.96
CA ILE A 162 -20.22 -3.68 -0.91
C ILE A 162 -21.74 -3.77 -0.80
N GLN A 163 -22.22 -4.74 -0.02
CA GLN A 163 -23.64 -5.07 0.06
C GLN A 163 -24.22 -4.38 1.26
N GLN A 164 -25.54 -4.34 1.28
CA GLN A 164 -26.29 -3.52 2.23
C GLN A 164 -25.98 -3.75 3.70
N ASN A 165 -25.68 -4.99 4.08
CA ASN A 165 -25.53 -5.31 5.51
C ASN A 165 -24.16 -5.88 5.79
N THR A 166 -23.16 -5.26 5.16
CA THR A 166 -21.76 -5.71 5.26
C THR A 166 -21.20 -5.34 6.60
N ILE A 167 -21.56 -4.14 7.08
CA ILE A 167 -21.12 -3.68 8.40
C ILE A 167 -22.31 -3.71 9.36
N ILE A 168 -22.08 -4.29 10.54
CA ILE A 168 -23.09 -4.39 11.59
C ILE A 168 -22.45 -3.90 12.88
N ILE A 169 -23.09 -2.94 13.54
CA ILE A 169 -22.57 -2.35 14.77
C ILE A 169 -23.52 -2.74 15.89
N GLU A 170 -23.06 -3.60 16.80
CA GLU A 170 -23.93 -4.24 17.79
C GLU A 170 -23.60 -3.70 19.17
N LYS A 171 -24.52 -2.94 19.78
CA LYS A 171 -24.32 -2.53 21.16
C LYS A 171 -24.62 -3.69 22.11
N ASN A 172 -24.07 -3.58 23.31
CA ASN A 172 -24.29 -4.51 24.42
C ASN A 172 -25.77 -4.69 24.80
N THR A 173 -26.58 -3.70 24.48
CA THR A 173 -28.02 -3.75 24.71
C THR A 173 -28.76 -4.68 23.74
N GLY A 174 -28.07 -5.16 22.71
CA GLY A 174 -28.71 -5.99 21.68
C GLY A 174 -29.20 -5.22 20.46
N ILE A 175 -29.17 -3.89 20.58
CA ILE A 175 -29.68 -2.99 19.56
C ILE A 175 -28.58 -2.63 18.60
N VAL A 176 -28.91 -2.63 17.32
CA VAL A 176 -27.93 -2.36 16.25
C VAL A 176 -28.09 -0.88 15.81
N PHE A 177 -26.99 -0.24 15.44
CA PHE A 177 -27.03 1.10 14.85
C PHE A 177 -27.42 0.98 13.38
N LYS A 178 -28.35 1.82 12.95
CA LYS A 178 -28.74 1.85 11.56
C LYS A 178 -27.63 2.48 10.76
N ILE A 179 -27.28 1.84 9.65
CA ILE A 179 -26.42 2.42 8.68
C ILE A 179 -27.21 2.58 7.40
N PRO A 180 -27.46 3.83 6.98
CA PRO A 180 -28.10 4.00 5.66
C PRO A 180 -27.30 3.40 4.49
N ASN A 181 -28.03 2.86 3.51
CA ASN A 181 -27.44 2.13 2.39
C ASN A 181 -26.52 2.99 1.54
N ASP A 182 -26.89 4.27 1.35
CA ASP A 182 -26.04 5.18 0.55
C ASP A 182 -24.66 5.41 1.18
N MET A 183 -24.55 5.30 2.50
CA MET A 183 -23.28 5.52 3.17
C MET A 183 -22.22 4.50 2.85
N LEU A 184 -22.66 3.31 2.48
CA LEU A 184 -21.77 2.24 2.10
C LEU A 184 -21.03 2.48 0.79
N ASN A 185 -21.52 3.41 -0.01
CA ASN A 185 -20.87 3.76 -1.30
C ASN A 185 -19.41 4.23 -1.17
N ILE A 186 -19.03 4.68 0.02
CA ILE A 186 -17.64 5.05 0.33
C ILE A 186 -16.68 3.85 0.33
N PHE A 187 -17.20 2.64 0.43
CA PHE A 187 -16.33 1.45 0.48
C PHE A 187 -16.03 0.76 -0.87
N ARG A 188 -16.22 1.45 -1.99
CA ARG A 188 -15.93 0.83 -3.29
C ARG A 188 -14.43 0.54 -3.45
N TYR A 189 -14.12 -0.54 -4.17
CA TYR A 189 -12.76 -1.10 -4.21
C TYR A 189 -12.53 -1.78 -5.55
N SER A 190 -11.27 -1.98 -5.89
CA SER A 190 -10.89 -2.66 -7.10
C SER A 190 -10.75 -4.14 -6.85
N THR A 191 -11.22 -4.93 -7.79
CA THR A 191 -11.16 -6.39 -7.68
C THR A 191 -10.93 -7.01 -9.05
N THR A 192 -10.87 -8.33 -9.13
CA THR A 192 -10.70 -9.02 -10.41
C THR A 192 -12.01 -9.07 -11.19
N VAL B 12 9.24 -12.38 -25.59
CA VAL B 12 10.22 -11.56 -24.81
C VAL B 12 9.55 -10.61 -23.82
N GLU B 13 9.73 -10.83 -22.53
CA GLU B 13 9.22 -9.89 -21.53
C GLU B 13 10.21 -8.76 -21.23
N TRP B 14 9.74 -7.54 -21.50
CA TRP B 14 10.48 -6.31 -21.30
C TRP B 14 10.73 -6.05 -19.80
N VAL B 15 11.83 -5.38 -19.51
CA VAL B 15 12.24 -5.09 -18.15
C VAL B 15 12.25 -3.58 -17.94
N PHE B 16 11.84 -3.17 -16.73
CA PHE B 16 11.90 -1.77 -16.32
C PHE B 16 13.29 -1.47 -15.78
N ILE B 17 13.92 -0.41 -16.29
CA ILE B 17 15.18 0.04 -15.82
C ILE B 17 15.08 1.46 -15.25
N PRO B 18 15.09 1.60 -13.91
CA PRO B 18 15.12 2.94 -13.31
C PRO B 18 16.37 3.70 -13.73
N VAL B 19 16.20 4.99 -13.97
CA VAL B 19 17.30 5.86 -14.30
C VAL B 19 17.57 6.71 -13.09
N ILE B 20 18.68 6.43 -12.39
CA ILE B 20 19.01 7.09 -11.14
C ILE B 20 20.42 7.68 -11.14
N LYS B 21 20.64 8.58 -10.18
CA LYS B 21 21.80 9.48 -10.11
C LYS B 21 23.23 8.94 -10.38
N ASP B 22 23.76 8.04 -9.59
CA ASP B 22 25.17 7.64 -9.74
C ASP B 22 25.26 6.25 -10.40
N VAL B 23 24.33 5.97 -11.29
CA VAL B 23 24.40 4.83 -12.20
C VAL B 23 24.60 5.44 -13.59
N THR B 24 25.41 4.79 -14.41
CA THR B 24 25.65 5.26 -15.78
C THR B 24 24.80 4.46 -16.73
N TYR B 25 24.28 5.14 -17.75
CA TYR B 25 23.53 4.52 -18.80
C TYR B 25 24.12 4.91 -20.15
N GLU B 26 24.57 3.93 -20.90
CA GLU B 26 25.20 4.17 -22.19
C GLU B 26 24.50 3.38 -23.29
N PHE B 27 23.94 4.12 -24.23
CA PHE B 27 23.25 3.55 -25.37
C PHE B 27 24.18 3.55 -26.56
N LYS B 28 24.33 2.39 -27.19
CA LYS B 28 25.08 2.28 -28.45
C LYS B 28 24.09 2.24 -29.64
N VAL B 29 24.28 3.16 -30.58
CA VAL B 29 23.39 3.33 -31.73
C VAL B 29 24.19 3.02 -32.99
N ASP B 30 23.66 2.18 -33.88
CA ASP B 30 24.36 1.81 -35.11
C ASP B 30 24.03 2.76 -36.27
N ASN B 31 24.62 2.50 -37.44
CA ASN B 31 24.44 3.36 -38.62
C ASN B 31 23.00 3.36 -39.16
N ASN B 32 22.20 2.37 -38.76
CA ASN B 32 20.76 2.32 -39.09
C ASN B 32 19.86 2.96 -38.02
N ASP B 33 20.46 3.66 -37.06
CA ASP B 33 19.74 4.28 -35.94
C ASP B 33 18.98 3.26 -35.07
N ASN B 34 19.54 2.07 -34.95
CA ASN B 34 19.04 1.06 -34.02
C ASN B 34 19.99 0.95 -32.84
N ILE B 35 19.42 0.67 -31.67
CA ILE B 35 20.18 0.43 -30.46
C ILE B 35 20.71 -1.00 -30.47
N THR B 36 22.03 -1.12 -30.44
CA THR B 36 22.68 -2.41 -30.47
C THR B 36 23.00 -2.90 -29.05
N GLU B 37 23.19 -1.98 -28.10
CA GLU B 37 23.42 -2.35 -26.71
C GLU B 37 23.07 -1.22 -25.78
N LEU B 38 22.70 -1.58 -24.55
CA LEU B 38 22.62 -0.65 -23.45
C LEU B 38 23.54 -1.15 -22.33
N TYR B 39 24.40 -0.27 -21.84
CA TYR B 39 25.30 -0.58 -20.75
C TYR B 39 24.78 0.16 -19.54
N VAL B 40 24.48 -0.57 -18.48
CA VAL B 40 24.05 0.01 -17.22
C VAL B 40 25.11 -0.25 -16.18
N ASN B 41 25.73 0.82 -15.67
CA ASN B 41 26.93 0.69 -14.85
C ASN B 41 27.97 -0.25 -15.47
N GLY B 42 28.14 -0.16 -16.80
CA GLY B 42 29.16 -0.95 -17.50
C GLY B 42 28.75 -2.38 -17.81
N ASN B 43 27.56 -2.79 -17.37
CA ASN B 43 27.05 -4.14 -17.60
C ASN B 43 26.25 -4.14 -18.89
N LYS B 44 26.64 -5.00 -19.82
CA LYS B 44 26.06 -5.03 -21.15
C LYS B 44 24.70 -5.66 -21.10
N LEU B 45 23.77 -5.02 -21.79
CA LEU B 45 22.42 -5.52 -21.92
C LEU B 45 22.13 -5.54 -23.41
N GLY B 46 22.01 -6.74 -23.97
CA GLY B 46 21.70 -6.91 -25.39
C GLY B 46 20.20 -6.91 -25.64
N PRO B 47 19.75 -6.21 -26.69
CA PRO B 47 18.31 -6.21 -27.01
C PRO B 47 17.90 -7.50 -27.70
N ALA B 48 16.77 -8.06 -27.25
CA ALA B 48 16.27 -9.35 -27.71
C ALA B 48 15.41 -9.19 -28.98
N SER B 49 14.95 -7.97 -29.25
CA SER B 49 14.41 -7.63 -30.57
C SER B 49 15.10 -6.38 -31.14
N SER B 50 14.86 -6.11 -32.42
CA SER B 50 15.36 -4.90 -33.06
C SER B 50 14.72 -3.70 -32.38
N LEU B 51 15.52 -2.66 -32.12
CA LEU B 51 15.11 -1.59 -31.23
C LEU B 51 15.54 -0.26 -31.81
N GLU B 52 14.58 0.52 -32.28
CA GLU B 52 14.86 1.83 -32.87
C GLU B 52 15.30 2.83 -31.81
N MET B 53 16.29 3.65 -32.17
CA MET B 53 16.80 4.71 -31.31
C MET B 53 15.68 5.63 -30.85
N ASP B 54 14.73 5.90 -31.75
CA ASP B 54 13.67 6.86 -31.46
C ASP B 54 12.62 6.33 -30.48
N PHE B 55 12.67 5.05 -30.14
CA PHE B 55 11.92 4.55 -28.99
C PHE B 55 12.36 5.25 -27.69
N TYR B 56 13.64 5.62 -27.59
CA TYR B 56 14.16 6.30 -26.39
C TYR B 56 14.43 7.79 -26.56
N PHE B 57 14.86 8.21 -27.74
CA PHE B 57 15.28 9.60 -27.96
C PHE B 57 14.93 10.10 -29.33
N ASP B 58 14.55 11.36 -29.40
CA ASP B 58 14.48 12.09 -30.68
C ASP B 58 15.68 13.07 -30.78
N VAL B 59 16.36 13.06 -31.93
CA VAL B 59 17.63 13.76 -32.11
C VAL B 59 17.55 14.81 -33.21
N ASP B 60 17.94 16.04 -32.87
CA ASP B 60 18.07 17.15 -33.83
C ASP B 60 19.37 16.96 -34.58
N VAL B 61 19.27 16.44 -35.80
CA VAL B 61 20.46 16.15 -36.61
C VAL B 61 21.31 17.39 -36.84
N SER B 62 20.68 18.56 -37.03
CA SER B 62 21.41 19.78 -37.35
C SER B 62 22.44 20.22 -36.33
N ASN B 63 22.09 20.13 -35.06
CA ASN B 63 23.07 20.45 -34.00
C ASN B 63 23.39 19.26 -33.10
N ASN B 64 23.11 18.04 -33.56
CA ASN B 64 23.59 16.83 -32.89
C ASN B 64 23.13 16.72 -31.44
N GLN B 65 21.90 17.14 -31.20
CA GLN B 65 21.34 17.27 -29.86
C GLN B 65 20.10 16.41 -29.72
N VAL B 66 19.96 15.83 -28.55
CA VAL B 66 18.67 15.27 -28.16
C VAL B 66 17.57 16.35 -28.02
N ARG B 67 16.42 16.09 -28.64
CA ARG B 67 15.25 16.98 -28.68
C ARG B 67 14.32 16.67 -27.53
N LYS B 68 14.13 15.38 -27.30
CA LYS B 68 13.35 14.90 -26.17
C LYS B 68 13.59 13.43 -25.95
N PHE B 69 13.28 12.98 -24.75
CA PHE B 69 13.28 11.58 -24.43
C PHE B 69 11.89 11.03 -24.63
N ASN B 70 11.82 9.83 -25.20
CA ASN B 70 10.53 9.19 -25.47
C ASN B 70 10.32 8.02 -24.54
N ASN B 71 9.06 7.67 -24.33
CA ASN B 71 8.68 6.46 -23.61
C ASN B 71 9.37 6.33 -22.26
N VAL B 72 9.28 7.40 -21.48
CA VAL B 72 9.76 7.39 -20.12
C VAL B 72 8.66 6.80 -19.26
N PHE B 73 8.93 5.62 -18.72
CA PHE B 73 7.95 4.89 -17.94
C PHE B 73 8.01 5.34 -16.49
N VAL B 74 6.85 5.47 -15.86
CA VAL B 74 6.76 5.91 -14.47
C VAL B 74 6.00 4.88 -13.66
N LEU B 75 6.65 4.34 -12.62
CA LEU B 75 6.03 3.39 -11.70
C LEU B 75 5.80 4.07 -10.35
N PHE B 76 4.57 4.04 -9.85
CA PHE B 76 4.20 4.72 -8.62
C PHE B 76 4.20 3.73 -7.45
N GLY B 77 4.44 4.25 -6.24
CA GLY B 77 4.41 3.43 -5.04
C GLY B 77 5.72 2.70 -4.77
N VAL B 78 6.80 3.19 -5.40
CA VAL B 78 8.12 2.59 -5.25
C VAL B 78 9.17 3.68 -5.16
N ILE B 79 10.33 3.33 -4.62
CA ILE B 79 11.50 4.19 -4.61
C ILE B 79 12.70 3.47 -5.16
N ALA B 80 13.75 4.20 -5.50
CA ALA B 80 14.97 3.60 -6.02
C ALA B 80 16.18 4.18 -5.30
N THR B 81 17.17 3.33 -5.08
CA THR B 81 18.46 3.78 -4.55
C THR B 81 19.55 3.00 -5.24
N LYS B 82 20.78 3.48 -5.09
CA LYS B 82 21.97 2.79 -5.53
C LYS B 82 22.48 1.99 -4.31
N ASP B 83 22.61 0.67 -4.44
CA ASP B 83 23.13 -0.20 -3.39
C ASP B 83 24.30 -1.02 -3.91
N SER B 84 25.49 -0.77 -3.35
CA SER B 84 26.74 -1.24 -3.93
C SER B 84 26.83 -0.63 -5.32
N ASN B 85 26.99 -1.45 -6.34
CA ASN B 85 27.03 -0.93 -7.71
C ASN B 85 25.74 -1.17 -8.46
N LYS B 86 24.68 -1.50 -7.72
CA LYS B 86 23.42 -1.96 -8.31
C LYS B 86 22.22 -1.07 -8.00
N ILE B 87 21.18 -1.23 -8.81
CA ILE B 87 19.94 -0.50 -8.63
C ILE B 87 19.07 -1.28 -7.65
N LYS B 88 18.64 -0.62 -6.59
CA LYS B 88 17.76 -1.23 -5.61
C LYS B 88 16.42 -0.51 -5.64
N MET B 89 15.37 -1.24 -5.94
CA MET B 89 14.04 -0.66 -5.93
C MET B 89 13.28 -1.28 -4.79
N GLN B 90 12.50 -0.47 -4.08
CA GLN B 90 11.69 -0.93 -2.96
C GLN B 90 10.26 -0.45 -3.06
N LEU B 91 9.34 -1.30 -2.63
CA LEU B 91 7.92 -0.96 -2.53
C LEU B 91 7.66 -0.05 -1.31
N THR B 92 6.93 1.05 -1.52
CA THR B 92 6.42 1.86 -0.41
C THR B 92 4.87 1.90 -0.39
N LEU B 93 4.24 1.69 -1.55
CA LEU B 93 2.80 1.80 -1.74
C LEU B 93 2.28 3.22 -1.54
N ASN B 94 3.20 4.18 -1.42
CA ASN B 94 2.83 5.61 -1.33
C ASN B 94 2.68 6.15 -2.76
N PRO B 95 1.47 6.57 -3.15
CA PRO B 95 1.26 6.98 -4.55
C PRO B 95 2.02 8.24 -4.95
N CYS B 96 2.50 9.01 -3.96
CA CYS B 96 3.35 10.17 -4.21
C CYS B 96 4.80 9.77 -4.49
N ASP B 97 5.19 8.53 -4.17
CA ASP B 97 6.49 8.00 -4.58
C ASP B 97 6.42 7.50 -6.02
N PHE B 98 7.48 7.74 -6.80
CA PHE B 98 7.57 7.18 -8.14
C PHE B 98 9.04 6.98 -8.55
N VAL B 99 9.24 6.09 -9.50
CA VAL B 99 10.54 5.91 -10.14
C VAL B 99 10.30 5.94 -11.65
N ARG B 100 11.10 6.75 -12.35
CA ARG B 100 11.07 6.86 -13.79
C ARG B 100 12.24 6.12 -14.42
N GLY B 101 12.03 5.67 -15.65
CA GLY B 101 13.06 4.96 -16.35
C GLY B 101 12.63 4.51 -17.72
N PHE B 102 13.40 3.56 -18.24
CA PHE B 102 13.21 3.03 -19.58
C PHE B 102 12.62 1.65 -19.41
N VAL B 103 12.01 1.15 -20.49
CA VAL B 103 11.79 -0.28 -20.61
C VAL B 103 12.71 -0.79 -21.72
N PHE B 104 13.15 -2.04 -21.58
CA PHE B 104 14.14 -2.62 -22.47
C PHE B 104 13.80 -4.08 -22.72
N PRO B 105 13.92 -4.53 -23.97
CA PRO B 105 13.61 -5.92 -24.29
C PRO B 105 14.79 -6.89 -24.10
N SER B 106 14.86 -7.47 -22.90
CA SER B 106 15.73 -8.57 -22.55
C SER B 106 15.05 -9.44 -21.50
N GLN B 107 15.06 -10.75 -21.70
CA GLN B 107 14.61 -11.72 -20.68
C GLN B 107 15.78 -12.44 -19.96
N ASP B 108 17.00 -12.04 -20.34
CA ASP B 108 18.26 -12.75 -20.14
C ASP B 108 18.72 -12.51 -18.70
N PRO B 109 18.41 -13.47 -17.80
CA PRO B 109 18.63 -13.25 -16.37
C PRO B 109 20.08 -12.91 -16.01
N SER B 110 21.04 -13.49 -16.73
CA SER B 110 22.47 -13.24 -16.48
C SER B 110 22.77 -11.76 -16.46
N GLN B 111 22.43 -11.09 -17.55
CA GLN B 111 22.79 -9.69 -17.70
C GLN B 111 22.04 -8.84 -16.68
N LEU B 112 20.77 -9.14 -16.41
CA LEU B 112 19.98 -8.35 -15.45
C LEU B 112 20.41 -8.51 -13.98
N ASN B 113 20.92 -9.69 -13.62
CA ASN B 113 21.38 -9.92 -12.24
C ASN B 113 22.57 -9.06 -11.81
N ASN B 114 23.41 -8.70 -12.78
CA ASN B 114 24.55 -7.79 -12.51
C ASN B 114 24.10 -6.34 -12.29
N ILE B 115 22.90 -6.00 -12.75
CA ILE B 115 22.44 -4.62 -12.73
C ILE B 115 21.61 -4.31 -11.48
N PHE B 116 20.85 -5.31 -11.01
CA PHE B 116 19.90 -5.08 -9.93
C PHE B 116 20.35 -5.72 -8.64
N ALA B 117 20.02 -5.05 -7.52
CA ALA B 117 20.46 -5.51 -6.19
C ALA B 117 19.75 -6.81 -5.78
N SER B 118 18.54 -7.02 -6.26
CA SER B 118 17.77 -8.23 -5.95
C SER B 118 17.64 -9.14 -7.17
N ASN B 119 17.67 -10.44 -6.94
CA ASN B 119 17.22 -11.40 -7.95
C ASN B 119 15.69 -11.34 -8.07
N ASN B 120 15.05 -10.92 -6.97
CA ASN B 120 13.61 -10.86 -6.89
C ASN B 120 12.98 -9.90 -7.90
N LYS B 121 12.15 -10.45 -8.77
CA LYS B 121 11.41 -9.67 -9.74
C LYS B 121 9.95 -10.06 -9.70
N VAL B 122 9.07 -9.14 -10.07
CA VAL B 122 7.65 -9.42 -10.27
C VAL B 122 7.19 -8.87 -11.61
N SER B 123 6.15 -9.48 -12.17
CA SER B 123 5.49 -8.96 -13.37
C SER B 123 4.48 -7.89 -12.98
N VAL B 124 4.52 -6.75 -13.69
CA VAL B 124 3.59 -5.67 -13.46
C VAL B 124 2.92 -5.36 -14.78
N SER B 125 1.61 -5.16 -14.73
CA SER B 125 0.87 -4.85 -15.93
C SER B 125 1.42 -3.59 -16.55
N GLU B 126 1.53 -3.61 -17.88
CA GLU B 126 1.99 -2.43 -18.58
C GLU B 126 1.06 -1.24 -18.33
N LYS B 127 -0.22 -1.52 -18.08
CA LYS B 127 -1.21 -0.46 -17.84
C LYS B 127 -1.02 0.25 -16.49
N ALA B 128 -0.25 -0.33 -15.59
CA ALA B 128 0.02 0.26 -14.27
C ALA B 128 0.96 1.45 -14.35
N PHE B 129 1.79 1.51 -15.39
CA PHE B 129 2.78 2.58 -15.56
C PHE B 129 2.16 3.79 -16.23
N ALA B 130 2.61 4.98 -15.86
CA ALA B 130 2.40 6.16 -16.71
C ALA B 130 3.54 6.14 -17.73
N ILE B 131 3.27 6.61 -18.94
CA ILE B 131 4.33 6.69 -19.97
C ILE B 131 4.34 8.13 -20.45
N LEU B 132 5.47 8.81 -20.25
CA LEU B 132 5.64 10.19 -20.68
C LEU B 132 6.23 10.18 -22.09
N ASN B 133 5.78 11.13 -22.92
CA ASN B 133 6.20 11.20 -24.33
C ASN B 133 6.08 9.86 -25.04
N ARG B 134 4.93 9.21 -24.90
CA ARG B 134 4.70 7.91 -25.54
C ARG B 134 4.87 8.02 -27.05
N LYS B 135 5.57 7.07 -27.66
CA LYS B 135 5.79 7.06 -29.13
C LYS B 135 6.11 5.66 -29.65
N LYS B 136 5.24 5.14 -30.51
CA LYS B 136 5.44 3.86 -31.18
C LYS B 136 5.83 2.79 -30.18
N GLU B 137 4.98 2.68 -29.16
CA GLU B 137 5.24 1.88 -27.99
C GLU B 137 4.48 0.55 -28.03
N GLY B 138 3.86 0.25 -29.18
CA GLY B 138 3.09 -0.96 -29.36
C GLY B 138 3.90 -2.24 -29.28
N ALA B 139 5.21 -2.14 -29.50
CA ALA B 139 6.10 -3.31 -29.39
C ALA B 139 6.23 -3.82 -27.94
N VAL B 140 6.08 -2.95 -26.94
CA VAL B 140 6.27 -3.36 -25.54
C VAL B 140 5.27 -4.44 -25.13
N SER B 141 5.72 -5.39 -24.32
CA SER B 141 4.87 -6.50 -23.87
C SER B 141 3.79 -5.98 -22.92
N SER B 142 2.74 -6.78 -22.71
CA SER B 142 1.61 -6.39 -21.87
C SER B 142 1.92 -6.43 -20.36
N THR B 143 2.96 -7.16 -19.97
CA THR B 143 3.50 -7.10 -18.62
C THR B 143 4.99 -6.79 -18.69
N ILE B 144 5.48 -6.11 -17.66
CA ILE B 144 6.85 -5.63 -17.56
C ILE B 144 7.46 -6.27 -16.32
N ASN B 145 8.69 -6.75 -16.45
CA ASN B 145 9.42 -7.26 -15.31
C ASN B 145 9.99 -6.10 -14.51
N VAL B 146 9.71 -6.12 -13.20
CA VAL B 146 10.24 -5.11 -12.29
C VAL B 146 11.04 -5.79 -11.19
N TYR B 147 12.30 -5.39 -11.07
CA TYR B 147 13.21 -5.91 -10.03
C TYR B 147 13.04 -5.09 -8.75
N ILE B 148 12.42 -5.70 -7.76
CA ILE B 148 12.06 -5.03 -6.53
C ILE B 148 12.44 -5.96 -5.39
N THR B 149 12.98 -5.43 -4.29
CA THR B 149 13.33 -6.29 -3.16
C THR B 149 12.06 -6.76 -2.47
N GLN B 150 12.19 -7.73 -1.59
CA GLN B 150 11.04 -8.29 -0.87
C GLN B 150 10.64 -7.48 0.36
N ASN B 151 11.43 -6.46 0.67
CA ASN B 151 11.29 -5.71 1.90
C ASN B 151 10.85 -4.28 1.60
N THR B 152 9.71 -3.93 2.17
CA THR B 152 9.14 -2.61 1.98
C THR B 152 10.00 -1.54 2.65
N TYR B 153 9.88 -0.30 2.17
CA TYR B 153 10.48 0.85 2.84
C TYR B 153 9.37 1.74 3.40
N THR B 154 9.47 2.06 4.67
CA THR B 154 8.46 2.82 5.40
C THR B 154 8.98 4.16 5.95
N GLY B 155 10.23 4.51 5.65
CA GLY B 155 10.78 5.78 6.06
C GLY B 155 10.34 6.92 5.15
N ASN B 156 10.88 8.10 5.40
CA ASN B 156 10.60 9.27 4.57
C ASN B 156 11.36 9.22 3.25
N THR B 157 10.77 9.81 2.23
CA THR B 157 11.35 9.81 0.89
C THR B 157 11.48 11.23 0.39
N LYS B 158 12.30 11.40 -0.64
CA LYS B 158 12.50 12.68 -1.32
C LYS B 158 12.72 12.42 -2.82
N ILE B 159 12.49 13.44 -3.63
CA ILE B 159 12.64 13.37 -5.07
C ILE B 159 14.03 13.80 -5.45
N GLU B 160 14.69 13.01 -6.28
CA GLU B 160 16.03 13.31 -6.73
C GLU B 160 16.06 13.39 -8.25
N LYS B 161 16.98 14.19 -8.79
CA LYS B 161 17.20 14.31 -10.25
C LYS B 161 18.53 13.70 -10.64
N ILE B 162 18.68 13.36 -11.92
CA ILE B 162 19.96 12.87 -12.42
C ILE B 162 20.84 14.06 -12.85
N GLN B 163 22.10 13.76 -13.16
CA GLN B 163 23.12 14.74 -13.45
C GLN B 163 23.58 14.64 -14.90
N GLN B 164 24.37 15.61 -15.31
CA GLN B 164 25.07 15.56 -16.58
C GLN B 164 25.99 14.33 -16.51
N ASN B 165 26.09 13.65 -17.64
CA ASN B 165 26.94 12.47 -17.81
C ASN B 165 26.38 11.16 -17.15
N THR B 166 25.11 11.16 -16.76
CA THR B 166 24.44 9.95 -16.30
C THR B 166 24.06 9.11 -17.52
N ILE B 167 23.53 9.78 -18.53
CA ILE B 167 23.14 9.16 -19.78
C ILE B 167 24.15 9.58 -20.84
N ILE B 168 24.68 8.59 -21.56
CA ILE B 168 25.54 8.82 -22.71
C ILE B 168 24.94 8.11 -23.90
N ILE B 169 24.82 8.80 -25.02
CA ILE B 169 24.34 8.18 -26.24
C ILE B 169 25.46 8.22 -27.25
N GLU B 170 25.91 7.04 -27.70
CA GLU B 170 27.11 6.92 -28.51
C GLU B 170 26.79 6.30 -29.85
N LYS B 171 27.03 7.03 -30.93
CA LYS B 171 26.95 6.39 -32.24
C LYS B 171 28.17 5.51 -32.52
N ASN B 172 27.98 4.59 -33.47
CA ASN B 172 29.04 3.69 -33.96
C ASN B 172 30.31 4.39 -34.45
N THR B 173 30.15 5.63 -34.90
CA THR B 173 31.26 6.45 -35.34
C THR B 173 32.13 6.98 -34.20
N GLY B 174 31.68 6.83 -32.95
CA GLY B 174 32.39 7.42 -31.80
C GLY B 174 31.76 8.74 -31.34
N ILE B 175 30.91 9.31 -32.18
CA ILE B 175 30.27 10.58 -31.86
C ILE B 175 29.19 10.40 -30.80
N VAL B 176 29.17 11.34 -29.86
CA VAL B 176 28.27 11.35 -28.73
C VAL B 176 27.25 12.47 -28.90
N PHE B 177 25.98 12.17 -28.70
CA PHE B 177 24.92 13.17 -28.87
C PHE B 177 24.90 14.10 -27.67
N LYS B 178 24.72 15.40 -27.90
CA LYS B 178 24.60 16.32 -26.79
C LYS B 178 23.24 16.17 -26.15
N ILE B 179 23.21 16.12 -24.84
CA ILE B 179 21.97 16.17 -24.10
C ILE B 179 22.01 17.44 -23.26
N PRO B 180 21.20 18.45 -23.61
CA PRO B 180 21.16 19.63 -22.77
C PRO B 180 20.64 19.26 -21.39
N ASN B 181 21.14 19.95 -20.38
CA ASN B 181 20.83 19.62 -18.99
C ASN B 181 19.35 19.70 -18.68
N ASP B 182 18.66 20.67 -19.27
CA ASP B 182 17.20 20.79 -19.04
C ASP B 182 16.42 19.55 -19.52
N MET B 183 16.90 18.87 -20.57
CA MET B 183 16.26 17.63 -21.10
C MET B 183 16.22 16.49 -20.08
N LEU B 184 17.26 16.45 -19.26
CA LEU B 184 17.42 15.41 -18.25
C LEU B 184 16.42 15.51 -17.08
N ASN B 185 15.77 16.66 -16.94
CA ASN B 185 14.77 16.87 -15.88
C ASN B 185 13.60 15.90 -15.91
N ILE B 186 13.37 15.27 -17.05
CA ILE B 186 12.34 14.24 -17.17
C ILE B 186 12.67 13.00 -16.34
N PHE B 187 13.94 12.77 -16.01
CA PHE B 187 14.31 11.65 -15.19
C PHE B 187 14.47 12.14 -13.76
N ARG B 188 13.48 11.79 -12.94
CA ARG B 188 13.47 12.14 -11.53
C ARG B 188 12.80 10.96 -10.85
N TYR B 189 13.09 10.80 -9.58
CA TYR B 189 12.59 9.64 -8.87
C TYR B 189 12.63 9.85 -7.38
N SER B 190 11.84 9.05 -6.69
CA SER B 190 11.77 9.08 -5.24
C SER B 190 12.83 8.15 -4.69
N THR B 191 13.50 8.61 -3.63
CA THR B 191 14.59 7.86 -3.04
C THR B 191 14.58 8.09 -1.53
N THR B 192 15.54 7.51 -0.82
CA THR B 192 15.57 7.61 0.65
C THR B 192 16.24 8.91 1.11
N VAL C 12 -27.45 23.01 -20.76
CA VAL C 12 -26.98 22.29 -19.54
C VAL C 12 -26.90 23.26 -18.37
N GLU C 13 -27.78 23.14 -17.37
CA GLU C 13 -27.64 24.00 -16.20
C GLU C 13 -26.68 23.39 -15.17
N TRP C 14 -25.62 24.14 -14.90
CA TRP C 14 -24.56 23.77 -13.97
C TRP C 14 -25.07 23.78 -12.53
N VAL C 15 -24.45 22.96 -11.70
CA VAL C 15 -24.84 22.80 -10.30
C VAL C 15 -23.70 23.23 -9.40
N PHE C 16 -24.04 23.86 -8.29
CA PHE C 16 -23.09 24.23 -7.29
C PHE C 16 -22.87 23.05 -6.33
N ILE C 17 -21.60 22.66 -6.16
CA ILE C 17 -21.24 21.57 -5.25
C ILE C 17 -20.37 22.13 -4.12
N PRO C 18 -20.96 22.30 -2.92
CA PRO C 18 -20.16 22.66 -1.77
C PRO C 18 -19.03 21.67 -1.51
N VAL C 19 -17.86 22.16 -1.12
CA VAL C 19 -16.73 21.34 -0.75
C VAL C 19 -16.59 21.45 0.76
N ILE C 20 -17.00 20.39 1.47
CA ILE C 20 -17.12 20.45 2.92
C ILE C 20 -16.42 19.31 3.59
N LYS C 21 -16.25 19.45 4.89
CA LYS C 21 -15.60 18.48 5.72
C LYS C 21 -16.42 17.19 5.71
N ASP C 22 -15.71 16.09 5.78
CA ASP C 22 -16.28 14.74 5.84
C ASP C 22 -17.12 14.35 4.61
N VAL C 23 -16.91 15.05 3.50
CA VAL C 23 -17.31 14.54 2.20
C VAL C 23 -15.98 14.35 1.44
N THR C 24 -15.88 13.25 0.69
CA THR C 24 -14.73 12.99 -0.15
C THR C 24 -15.11 13.26 -1.61
N TYR C 25 -14.23 13.97 -2.32
CA TYR C 25 -14.45 14.38 -3.70
C TYR C 25 -13.34 13.73 -4.50
N GLU C 26 -13.72 12.79 -5.37
CA GLU C 26 -12.78 12.02 -6.18
C GLU C 26 -13.01 12.34 -7.61
N PHE C 27 -12.02 12.94 -8.24
CA PHE C 27 -12.09 13.30 -9.65
C PHE C 27 -11.36 12.24 -10.45
N LYS C 28 -12.03 11.67 -11.45
CA LYS C 28 -11.41 10.73 -12.38
C LYS C 28 -11.00 11.50 -13.61
N VAL C 29 -9.71 11.41 -13.93
CA VAL C 29 -9.13 12.19 -15.01
C VAL C 29 -8.54 11.22 -16.01
N ASP C 30 -8.89 11.41 -17.28
CA ASP C 30 -8.42 10.53 -18.34
C ASP C 30 -7.06 11.00 -18.91
N ASN C 31 -6.59 10.28 -19.91
CA ASN C 31 -5.29 10.54 -20.52
C ASN C 31 -5.18 11.89 -21.23
N ASN C 32 -6.33 12.47 -21.58
CA ASN C 32 -6.39 13.81 -22.17
C ASN C 32 -6.56 14.92 -21.12
N ASP C 33 -6.43 14.60 -19.83
CA ASP C 33 -6.62 15.54 -18.72
C ASP C 33 -8.03 16.10 -18.66
N ASN C 34 -9.01 15.30 -19.07
CA ASN C 34 -10.41 15.64 -18.91
C ASN C 34 -11.00 14.81 -17.78
N ILE C 35 -11.90 15.43 -17.03
CA ILE C 35 -12.63 14.80 -15.96
C ILE C 35 -13.77 13.96 -16.54
N THR C 36 -13.70 12.64 -16.31
CA THR C 36 -14.71 11.72 -16.81
C THR C 36 -15.79 11.47 -15.77
N GLU C 37 -15.45 11.60 -14.48
CA GLU C 37 -16.45 11.48 -13.41
C GLU C 37 -15.99 12.19 -12.16
N LEU C 38 -16.97 12.62 -11.36
CA LEU C 38 -16.73 13.06 -10.00
C LEU C 38 -17.56 12.18 -9.10
N TYR C 39 -16.90 11.61 -8.09
CA TYR C 39 -17.56 10.81 -7.07
C TYR C 39 -17.58 11.62 -5.78
N VAL C 40 -18.79 11.85 -5.27
CA VAL C 40 -18.96 12.61 -4.05
C VAL C 40 -19.48 11.64 -3.01
N ASN C 41 -18.65 11.38 -2.00
CA ASN C 41 -18.91 10.33 -1.04
C ASN C 41 -19.32 9.00 -1.71
N GLY C 42 -18.64 8.67 -2.80
CA GLY C 42 -18.88 7.42 -3.53
C GLY C 42 -20.02 7.44 -4.54
N ASN C 43 -20.76 8.55 -4.61
CA ASN C 43 -21.87 8.67 -5.55
C ASN C 43 -21.37 9.29 -6.86
N LYS C 44 -21.62 8.61 -7.96
CA LYS C 44 -21.11 9.04 -9.25
C LYS C 44 -21.86 10.26 -9.79
N LEU C 45 -21.11 11.21 -10.32
CA LEU C 45 -21.66 12.38 -11.00
C LEU C 45 -20.96 12.48 -12.35
N GLY C 46 -21.71 12.24 -13.42
CA GLY C 46 -21.19 12.32 -14.79
C GLY C 46 -21.27 13.74 -15.32
N PRO C 47 -20.17 14.22 -15.97
CA PRO C 47 -20.23 15.51 -16.64
C PRO C 47 -21.02 15.47 -17.94
N ALA C 48 -21.87 16.47 -18.14
CA ALA C 48 -22.77 16.54 -19.30
C ALA C 48 -22.07 17.14 -20.52
N SER C 49 -20.97 17.86 -20.30
CA SER C 49 -20.08 18.28 -21.38
C SER C 49 -18.64 17.85 -21.05
N SER C 50 -17.76 17.96 -22.05
CA SER C 50 -16.34 17.73 -21.84
C SER C 50 -15.80 18.77 -20.86
N LEU C 51 -14.97 18.32 -19.90
CA LEU C 51 -14.63 19.13 -18.73
C LEU C 51 -13.14 18.97 -18.41
N GLU C 52 -12.38 20.02 -18.64
CA GLU C 52 -10.95 19.98 -18.45
C GLU C 52 -10.64 19.95 -16.95
N MET C 53 -9.64 19.15 -16.58
CA MET C 53 -9.13 19.12 -15.22
C MET C 53 -8.72 20.53 -14.74
N ASP C 54 -8.15 21.34 -15.63
CA ASP C 54 -7.66 22.67 -15.24
C ASP C 54 -8.77 23.71 -14.96
N PHE C 55 -10.01 23.36 -15.26
CA PHE C 55 -11.14 24.17 -14.82
C PHE C 55 -11.21 24.20 -13.30
N TYR C 56 -10.72 23.14 -12.65
CA TYR C 56 -10.69 23.04 -11.20
C TYR C 56 -9.31 23.16 -10.55
N PHE C 57 -8.28 22.61 -11.20
CA PHE C 57 -6.96 22.56 -10.61
C PHE C 57 -5.87 22.79 -11.60
N ASP C 58 -4.91 23.58 -11.15
CA ASP C 58 -3.71 23.86 -11.86
C ASP C 58 -2.68 22.95 -11.21
N VAL C 59 -2.32 21.89 -11.92
CA VAL C 59 -1.45 20.87 -11.38
C VAL C 59 -0.10 20.91 -12.12
N ASP C 60 0.97 21.05 -11.35
CA ASP C 60 2.34 20.97 -11.90
C ASP C 60 2.61 19.54 -12.34
N VAL C 61 2.62 19.27 -13.66
CA VAL C 61 2.81 17.92 -14.20
C VAL C 61 4.18 17.30 -13.90
N SER C 62 5.21 18.13 -13.73
CA SER C 62 6.53 17.64 -13.34
C SER C 62 6.51 16.90 -11.99
N ASN C 63 5.73 17.37 -11.01
CA ASN C 63 5.71 16.72 -9.67
C ASN C 63 4.34 16.50 -9.00
N ASN C 64 3.25 16.47 -9.78
CA ASN C 64 1.93 16.08 -9.25
C ASN C 64 1.46 16.91 -8.06
N GLN C 65 1.77 18.20 -8.13
CA GLN C 65 1.50 19.15 -7.06
C GLN C 65 0.54 20.20 -7.56
N VAL C 66 -0.44 20.52 -6.72
CA VAL C 66 -1.45 21.49 -7.05
C VAL C 66 -0.82 22.84 -6.82
N ARG C 67 -0.88 23.71 -7.82
CA ARG C 67 -0.36 25.07 -7.74
C ARG C 67 -1.45 25.96 -7.19
N LYS C 68 -2.68 25.72 -7.65
CA LYS C 68 -3.84 26.44 -7.19
C LYS C 68 -5.11 25.76 -7.61
N PHE C 69 -6.19 26.11 -6.93
CA PHE C 69 -7.52 25.72 -7.31
C PHE C 69 -8.14 26.83 -8.15
N ASN C 70 -8.79 26.45 -9.24
CA ASN C 70 -9.39 27.42 -10.16
C ASN C 70 -10.90 27.42 -9.95
N ASN C 71 -11.53 28.56 -10.27
CA ASN C 71 -12.98 28.67 -10.29
C ASN C 71 -13.66 28.18 -9.02
N VAL C 72 -13.19 28.70 -7.89
CA VAL C 72 -13.78 28.39 -6.60
C VAL C 72 -14.92 29.36 -6.41
N PHE C 73 -16.14 28.83 -6.44
CA PHE C 73 -17.34 29.64 -6.33
C PHE C 73 -17.70 29.85 -4.89
N VAL C 74 -18.15 31.06 -4.57
CA VAL C 74 -18.58 31.40 -3.23
C VAL C 74 -20.01 31.91 -3.21
N LEU C 75 -20.88 31.26 -2.43
CA LEU C 75 -22.28 31.65 -2.27
C LEU C 75 -22.47 32.19 -0.86
N PHE C 76 -23.03 33.39 -0.75
CA PHE C 76 -23.21 34.06 0.52
C PHE C 76 -24.65 33.92 1.03
N GLY C 77 -24.81 33.96 2.34
CA GLY C 77 -26.13 33.89 2.96
C GLY C 77 -26.60 32.47 3.17
N VAL C 78 -25.66 31.54 3.15
CA VAL C 78 -25.98 30.12 3.28
C VAL C 78 -24.92 29.43 4.11
N ILE C 79 -25.29 28.29 4.67
CA ILE C 79 -24.37 27.43 5.39
C ILE C 79 -24.48 26.02 4.84
N ALA C 80 -23.50 25.17 5.15
CA ALA C 80 -23.52 23.78 4.70
C ALA C 80 -23.20 22.88 5.86
N THR C 81 -23.86 21.72 5.87
CA THR C 81 -23.57 20.67 6.84
C THR C 81 -23.67 19.33 6.12
N LYS C 82 -23.15 18.31 6.77
CA LYS C 82 -23.26 16.97 6.29
C LYS C 82 -24.45 16.37 7.03
N ASP C 83 -25.43 15.84 6.28
CA ASP C 83 -26.61 15.19 6.86
C ASP C 83 -26.77 13.79 6.27
N SER C 84 -26.60 12.77 7.11
CA SER C 84 -26.41 11.39 6.64
C SER C 84 -25.17 11.39 5.77
N ASN C 85 -25.29 10.93 4.53
CA ASN C 85 -24.17 10.94 3.60
C ASN C 85 -24.24 12.09 2.65
N LYS C 86 -25.13 13.02 2.91
CA LYS C 86 -25.47 14.00 1.91
C LYS C 86 -25.08 15.40 2.35
N ILE C 87 -24.95 16.27 1.35
CA ILE C 87 -24.65 17.67 1.58
C ILE C 87 -25.97 18.40 1.84
N LYS C 88 -26.07 19.07 2.97
CA LYS C 88 -27.25 19.84 3.30
C LYS C 88 -26.87 21.33 3.32
N MET C 89 -27.51 22.12 2.48
CA MET C 89 -27.29 23.54 2.50
C MET C 89 -28.54 24.21 3.01
N GLN C 90 -28.36 25.23 3.84
CA GLN C 90 -29.47 25.97 4.39
C GLN C 90 -29.27 27.47 4.18
N LEU C 91 -30.38 28.15 3.94
CA LEU C 91 -30.44 29.60 3.86
C LEU C 91 -30.36 30.22 5.25
N THR C 92 -29.48 31.20 5.43
CA THR C 92 -29.47 32.04 6.62
C THR C 92 -29.78 33.50 6.30
N LEU C 93 -29.49 33.92 5.07
CA LEU C 93 -29.58 35.31 4.63
C LEU C 93 -28.65 36.25 5.41
N ASN C 94 -27.71 35.68 6.15
CA ASN C 94 -26.62 36.43 6.75
C ASN C 94 -25.47 36.55 5.73
N PRO C 95 -25.19 37.77 5.22
CA PRO C 95 -24.14 37.93 4.21
C PRO C 95 -22.72 37.55 4.65
N CYS C 96 -22.50 37.44 5.95
CA CYS C 96 -21.22 36.97 6.49
C CYS C 96 -21.09 35.44 6.46
N ASP C 97 -22.21 34.72 6.28
CA ASP C 97 -22.17 33.26 6.04
C ASP C 97 -21.84 33.02 4.58
N PHE C 98 -21.01 32.03 4.32
CA PHE C 98 -20.73 31.63 2.95
C PHE C 98 -20.37 30.14 2.86
N VAL C 99 -20.58 29.59 1.67
CA VAL C 99 -20.15 28.25 1.36
C VAL C 99 -19.39 28.30 0.02
N ARG C 100 -18.22 27.66 0.00
CA ARG C 100 -17.39 27.61 -1.19
C ARG C 100 -17.41 26.22 -1.82
N GLY C 101 -17.13 26.17 -3.11
CA GLY C 101 -17.20 24.92 -3.82
C GLY C 101 -16.94 25.07 -5.29
N PHE C 102 -17.35 24.02 -6.01
CA PHE C 102 -17.15 23.94 -7.43
C PHE C 102 -18.50 24.14 -8.10
N VAL C 103 -18.48 24.51 -9.39
CA VAL C 103 -19.65 24.30 -10.23
C VAL C 103 -19.33 23.13 -11.17
N PHE C 104 -20.35 22.36 -11.51
CA PHE C 104 -20.20 21.11 -12.27
C PHE C 104 -21.34 21.00 -13.27
N PRO C 105 -21.03 20.59 -14.52
CA PRO C 105 -22.08 20.49 -15.54
C PRO C 105 -22.81 19.15 -15.54
N SER C 106 -23.94 19.11 -14.82
CA SER C 106 -24.90 18.02 -14.87
C SER C 106 -26.31 18.59 -14.68
N ASP C 108 -28.87 15.98 -14.69
CA ASP C 108 -29.18 14.59 -14.37
C ASP C 108 -29.67 14.43 -12.93
N PRO C 109 -30.98 14.61 -12.71
CA PRO C 109 -31.53 14.64 -11.34
C PRO C 109 -31.23 13.38 -10.53
N SER C 110 -31.21 12.23 -11.18
CA SER C 110 -30.97 10.96 -10.51
C SER C 110 -29.66 10.99 -9.71
N GLN C 111 -28.57 11.36 -10.37
CA GLN C 111 -27.29 11.38 -9.69
C GLN C 111 -27.22 12.45 -8.61
N LEU C 112 -27.78 13.64 -8.85
CA LEU C 112 -27.72 14.73 -7.87
C LEU C 112 -28.55 14.46 -6.62
N ASN C 113 -29.64 13.70 -6.76
CA ASN C 113 -30.49 13.37 -5.60
C ASN C 113 -29.77 12.49 -4.55
N ASN C 114 -28.83 11.66 -4.98
CA ASN C 114 -28.01 10.87 -4.06
C ASN C 114 -26.97 11.69 -3.30
N ILE C 115 -26.61 12.85 -3.84
CA ILE C 115 -25.56 13.70 -3.28
C ILE C 115 -26.09 14.75 -2.30
N PHE C 116 -27.29 15.24 -2.53
CA PHE C 116 -27.85 16.33 -1.72
C PHE C 116 -29.00 15.88 -0.82
N ALA C 117 -29.08 16.51 0.36
CA ALA C 117 -30.07 16.13 1.37
C ALA C 117 -31.49 16.47 0.94
N SER C 118 -31.63 17.54 0.15
CA SER C 118 -32.94 17.99 -0.32
C SER C 118 -33.08 17.73 -1.81
N ASN C 119 -34.30 17.38 -2.23
CA ASN C 119 -34.66 17.45 -3.65
C ASN C 119 -34.82 18.91 -4.07
N ASN C 120 -35.16 19.75 -3.10
CA ASN C 120 -35.38 21.17 -3.34
C ASN C 120 -34.14 21.89 -3.88
N LYS C 121 -34.27 22.43 -5.08
CA LYS C 121 -33.22 23.23 -5.69
C LYS C 121 -33.82 24.52 -6.20
N VAL C 122 -33.01 25.56 -6.25
CA VAL C 122 -33.41 26.82 -6.85
C VAL C 122 -32.32 27.26 -7.83
N SER C 123 -32.72 28.01 -8.84
CA SER C 123 -31.80 28.66 -9.74
C SER C 123 -31.31 29.97 -9.11
N VAL C 124 -30.01 30.18 -9.14
CA VAL C 124 -29.40 31.39 -8.63
C VAL C 124 -28.56 31.99 -9.74
N SER C 125 -28.66 33.30 -9.89
CA SER C 125 -27.91 33.96 -10.93
C SER C 125 -26.44 33.71 -10.72
N GLU C 126 -25.73 33.47 -11.83
CA GLU C 126 -24.30 33.29 -11.75
C GLU C 126 -23.62 34.56 -11.15
N LYS C 127 -24.22 35.72 -11.36
CA LYS C 127 -23.67 36.98 -10.84
C LYS C 127 -23.77 37.11 -9.32
N ALA C 128 -24.56 36.25 -8.68
CA ALA C 128 -24.69 36.23 -7.22
C ALA C 128 -23.44 35.70 -6.53
N PHE C 129 -22.67 34.86 -7.22
CA PHE C 129 -21.50 34.22 -6.64
C PHE C 129 -20.25 35.08 -6.76
N ALA C 130 -19.34 34.98 -5.80
CA ALA C 130 -17.95 35.40 -6.03
C ALA C 130 -17.23 34.21 -6.63
N ILE C 131 -16.26 34.46 -7.49
CA ILE C 131 -15.44 33.39 -8.07
C ILE C 131 -13.97 33.70 -7.84
N LEU C 132 -13.30 32.83 -7.10
CA LEU C 132 -11.85 32.98 -6.85
C LEU C 132 -11.06 32.24 -7.93
N ASN C 133 -9.92 32.81 -8.30
CA ASN C 133 -9.08 32.26 -9.37
C ASN C 133 -9.89 31.90 -10.61
N ARG C 134 -10.73 32.84 -11.06
CA ARG C 134 -11.54 32.63 -12.24
C ARG C 134 -10.64 32.30 -13.46
N LYS C 135 -11.03 31.29 -14.23
CA LYS C 135 -10.25 30.86 -15.42
C LYS C 135 -11.15 30.13 -16.40
N LYS C 136 -11.27 30.68 -17.61
CA LYS C 136 -11.99 30.05 -18.72
C LYS C 136 -13.34 29.57 -18.26
N GLU C 137 -14.06 30.51 -17.67
CA GLU C 137 -15.30 30.25 -16.97
C GLU C 137 -16.52 30.65 -17.81
N GLY C 138 -16.27 31.05 -19.05
CA GLY C 138 -17.34 31.44 -19.97
C GLY C 138 -18.30 30.30 -20.31
N ALA C 139 -17.85 29.06 -20.16
CA ALA C 139 -18.70 27.88 -20.40
C ALA C 139 -19.84 27.75 -19.40
N VAL C 140 -19.67 28.28 -18.18
CA VAL C 140 -20.68 28.13 -17.14
C VAL C 140 -21.97 28.86 -17.54
N SER C 141 -23.10 28.28 -17.16
CA SER C 141 -24.41 28.85 -17.52
C SER C 141 -24.66 30.12 -16.70
N SER C 142 -25.63 30.91 -17.14
CA SER C 142 -25.94 32.21 -16.51
C SER C 142 -26.70 32.06 -15.21
N THR C 143 -27.31 30.90 -15.00
CA THR C 143 -27.86 30.53 -13.70
C THR C 143 -27.31 29.19 -13.26
N ILE C 144 -27.17 29.04 -11.95
CA ILE C 144 -26.59 27.87 -11.32
C ILE C 144 -27.63 27.23 -10.41
N ASN C 145 -27.74 25.92 -10.48
CA ASN C 145 -28.63 25.19 -9.60
C ASN C 145 -27.99 25.02 -8.24
N VAL C 146 -28.72 25.42 -7.20
CA VAL C 146 -28.26 25.32 -5.82
C VAL C 146 -29.27 24.49 -5.05
N TYR C 147 -28.78 23.41 -4.44
CA TYR C 147 -29.63 22.50 -3.66
C TYR C 147 -29.68 22.96 -2.22
N ILE C 148 -30.80 23.56 -1.85
CA ILE C 148 -30.94 24.22 -0.56
C ILE C 148 -32.26 23.76 0.03
N THR C 149 -32.30 23.49 1.34
CA THR C 149 -33.55 23.03 1.97
C THR C 149 -34.52 24.20 2.06
N GLN C 150 -35.78 23.89 2.39
CA GLN C 150 -36.84 24.89 2.51
C GLN C 150 -36.89 25.56 3.90
N ASN C 151 -36.04 25.08 4.81
CA ASN C 151 -36.04 25.49 6.21
C ASN C 151 -34.80 26.33 6.50
N THR C 152 -35.01 27.59 6.88
CA THR C 152 -33.90 28.47 7.23
C THR C 152 -33.21 28.01 8.50
N TYR C 153 -31.95 28.40 8.64
CA TYR C 153 -31.21 28.21 9.88
C TYR C 153 -30.97 29.56 10.54
N THR C 154 -31.36 29.65 11.80
CA THR C 154 -31.27 30.88 12.58
C THR C 154 -30.32 30.81 13.76
N GLY C 155 -29.67 29.68 13.95
CA GLY C 155 -28.71 29.51 15.04
C GLY C 155 -27.38 30.19 14.72
N ASN C 156 -26.42 30.00 15.63
CA ASN C 156 -25.07 30.52 15.43
C ASN C 156 -24.31 29.69 14.40
N THR C 157 -23.41 30.35 13.70
CA THR C 157 -22.60 29.68 12.69
C THR C 157 -21.14 29.88 13.02
N LYS C 158 -20.31 29.04 12.43
CA LYS C 158 -18.86 29.15 12.56
C LYS C 158 -18.22 28.72 11.24
N ILE C 159 -16.98 29.13 11.04
CA ILE C 159 -16.24 28.81 9.81
C ILE C 159 -15.44 27.54 10.02
N GLU C 160 -15.57 26.61 9.09
CA GLU C 160 -14.90 25.33 9.20
C GLU C 160 -13.99 25.15 8.02
N LYS C 161 -12.92 24.38 8.20
CA LYS C 161 -12.00 24.03 7.11
C LYS C 161 -12.18 22.57 6.69
N ILE C 162 -11.71 22.24 5.49
CA ILE C 162 -11.68 20.85 5.04
C ILE C 162 -10.39 20.15 5.48
N GLN C 163 -10.32 18.84 5.24
CA GLN C 163 -9.22 17.99 5.71
C GLN C 163 -8.28 17.63 4.58
N GLN C 164 -7.13 17.04 4.94
CA GLN C 164 -6.02 16.77 4.02
C GLN C 164 -6.40 15.91 2.80
N ASN C 165 -7.29 14.95 2.96
CA ASN C 165 -7.63 14.01 1.86
C ASN C 165 -9.08 14.15 1.47
N THR C 166 -9.59 15.38 1.49
CA THR C 166 -10.97 15.69 1.09
C THR C 166 -11.09 15.61 -0.41
N ILE C 167 -10.08 16.13 -1.10
CA ILE C 167 -10.04 16.13 -2.56
C ILE C 167 -8.98 15.13 -3.02
N ILE C 168 -9.37 14.21 -3.90
CA ILE C 168 -8.47 13.20 -4.46
C ILE C 168 -8.61 13.22 -5.98
N ILE C 169 -7.49 13.29 -6.69
CA ILE C 169 -7.51 13.24 -8.14
C ILE C 169 -6.89 11.93 -8.56
N GLU C 170 -7.64 11.13 -9.31
CA GLU C 170 -7.22 9.79 -9.70
C GLU C 170 -7.02 9.73 -11.21
N LYS C 171 -5.79 9.45 -11.62
CA LYS C 171 -5.37 9.56 -13.01
C LYS C 171 -4.11 8.71 -13.20
N ASN C 172 -3.89 8.24 -14.42
CA ASN C 172 -2.69 7.45 -14.77
C ASN C 172 -1.34 8.07 -14.43
N THR C 173 -1.31 9.40 -14.46
CA THR C 173 -0.11 10.18 -14.17
C THR C 173 0.14 10.32 -12.66
N GLY C 174 -0.67 9.65 -11.85
CA GLY C 174 -0.40 9.53 -10.43
C GLY C 174 -1.48 10.22 -9.62
N ILE C 175 -1.81 9.65 -8.47
CA ILE C 175 -2.81 10.22 -7.60
C ILE C 175 -2.30 11.53 -7.00
N VAL C 176 -3.19 12.50 -6.88
CA VAL C 176 -2.97 13.70 -6.10
C VAL C 176 -3.91 13.66 -4.90
N PHE C 177 -3.36 13.68 -3.69
CA PHE C 177 -4.18 13.46 -2.47
C PHE C 177 -3.57 14.14 -1.26
N LYS C 178 -2.30 14.55 -1.36
CA LYS C 178 -1.62 15.42 -0.41
C LYS C 178 -1.51 16.85 -1.01
N ILE C 179 -2.45 17.69 -0.59
CA ILE C 179 -2.43 19.11 -0.89
C ILE C 179 -2.14 19.85 0.42
N PRO C 180 -1.15 20.75 0.42
CA PRO C 180 -0.82 21.42 1.70
C PRO C 180 -2.01 22.21 2.28
N ASN C 181 -2.11 22.27 3.61
CA ASN C 181 -3.23 22.89 4.31
C ASN C 181 -3.41 24.35 3.92
N ASP C 182 -2.30 25.04 3.69
CA ASP C 182 -2.36 26.43 3.19
C ASP C 182 -3.11 26.53 1.84
N MET C 183 -3.01 25.50 1.01
CA MET C 183 -3.74 25.44 -0.27
C MET C 183 -5.22 25.10 -0.12
N LEU C 184 -5.51 24.13 0.74
CA LEU C 184 -6.89 23.72 1.01
C LEU C 184 -7.67 24.79 1.78
N ASN C 185 -6.96 25.74 2.37
CA ASN C 185 -7.59 26.87 3.09
C ASN C 185 -8.57 27.67 2.25
N ILE C 186 -8.44 27.59 0.93
CA ILE C 186 -9.37 28.23 0.02
C ILE C 186 -10.79 27.67 0.16
N PHE C 187 -10.95 26.46 0.69
CA PHE C 187 -12.28 25.87 0.83
C PHE C 187 -13.02 26.02 2.18
N ARG C 188 -12.64 27.00 2.98
CA ARG C 188 -13.40 27.25 4.22
C ARG C 188 -14.88 27.69 3.97
N TYR C 189 -15.77 27.34 4.89
CA TYR C 189 -17.22 27.54 4.73
C TYR C 189 -17.90 27.70 6.10
N SER C 190 -19.09 28.28 6.09
CA SER C 190 -19.88 28.47 7.29
C SER C 190 -20.73 27.24 7.53
N THR C 191 -20.80 26.83 8.79
CA THR C 191 -21.56 25.65 9.16
C THR C 191 -22.17 25.87 10.54
N THR C 192 -22.83 24.85 11.05
CA THR C 192 -23.51 24.94 12.35
C THR C 192 -22.56 24.65 13.50
N GLU D 13 11.39 -34.14 25.72
CA GLU D 13 12.46 -34.03 24.68
C GLU D 13 12.18 -32.86 23.74
N TRP D 14 13.18 -31.98 23.66
CA TRP D 14 13.15 -30.81 22.82
C TRP D 14 13.18 -31.16 21.33
N VAL D 15 12.60 -30.29 20.51
CA VAL D 15 12.51 -30.49 19.07
C VAL D 15 13.26 -29.37 18.34
N PHE D 16 13.93 -29.73 17.24
CA PHE D 16 14.61 -28.78 16.40
C PHE D 16 13.63 -28.20 15.37
N ILE D 17 13.54 -26.87 15.32
CA ILE D 17 12.67 -26.19 14.38
C ILE D 17 13.49 -25.36 13.43
N PRO D 18 13.68 -25.83 12.18
CA PRO D 18 14.35 -25.00 11.18
C PRO D 18 13.59 -23.68 10.95
N VAL D 19 14.34 -22.61 10.77
CA VAL D 19 13.78 -21.32 10.48
C VAL D 19 14.08 -21.05 9.03
N ILE D 20 13.04 -21.16 8.19
CA ILE D 20 13.20 -21.12 6.75
C ILE D 20 12.31 -20.07 6.09
N LYS D 21 12.64 -19.78 4.84
CA LYS D 21 12.00 -18.75 4.07
C LYS D 21 10.55 -19.19 3.83
N ASP D 22 9.67 -18.21 3.83
CA ASP D 22 8.23 -18.40 3.55
C ASP D 22 7.48 -19.25 4.60
N VAL D 23 8.06 -19.37 5.79
CA VAL D 23 7.35 -19.87 6.97
C VAL D 23 7.38 -18.74 7.99
N THR D 24 6.28 -18.57 8.71
CA THR D 24 6.19 -17.56 9.76
C THR D 24 6.42 -18.20 11.11
N TYR D 25 7.13 -17.48 11.98
CA TYR D 25 7.36 -17.90 13.35
C TYR D 25 6.93 -16.77 14.29
N GLU D 26 5.89 -17.02 15.07
CA GLU D 26 5.29 -16.02 15.96
C GLU D 26 5.44 -16.49 17.40
N PHE D 27 6.18 -15.74 18.19
CA PHE D 27 6.37 -16.05 19.60
C PHE D 27 5.46 -15.17 20.42
N LYS D 28 4.70 -15.79 21.31
CA LYS D 28 3.87 -15.07 22.28
C LYS D 28 4.58 -15.02 23.64
N VAL D 29 4.75 -13.80 24.15
CA VAL D 29 5.45 -13.57 25.42
C VAL D 29 4.47 -13.00 26.46
N ASP D 30 4.47 -13.55 27.67
CA ASP D 30 3.59 -13.07 28.74
C ASP D 30 4.22 -11.95 29.59
N ASN D 31 3.48 -11.50 30.60
CA ASN D 31 3.91 -10.40 31.46
C ASN D 31 5.12 -10.75 32.35
N ASN D 32 5.42 -12.05 32.50
CA ASN D 32 6.64 -12.51 33.17
C ASN D 32 7.84 -12.73 32.22
N ASP D 33 7.71 -12.31 30.97
CA ASP D 33 8.75 -12.53 29.94
C ASP D 33 9.02 -14.02 29.64
N ASN D 34 7.98 -14.82 29.77
CA ASN D 34 8.04 -16.21 29.37
C ASN D 34 7.25 -16.41 28.10
N ILE D 35 7.73 -17.32 27.27
CA ILE D 35 7.05 -17.69 26.04
C ILE D 35 5.90 -18.62 26.36
N THR D 36 4.69 -18.21 25.99
CA THR D 36 3.49 -19.00 26.24
C THR D 36 3.11 -19.86 25.03
N GLU D 37 3.47 -19.41 23.82
CA GLU D 37 3.23 -20.20 22.60
C GLU D 37 4.18 -19.81 21.49
N LEU D 38 4.44 -20.76 20.60
CA LEU D 38 5.08 -20.49 19.31
C LEU D 38 4.15 -20.98 18.22
N TYR D 39 3.86 -20.10 17.27
CA TYR D 39 3.03 -20.45 16.12
C TYR D 39 3.96 -20.55 14.92
N VAL D 40 3.99 -21.70 14.27
CA VAL D 40 4.80 -21.93 13.07
C VAL D 40 3.83 -22.09 11.90
N ASN D 41 3.87 -21.16 10.95
CA ASN D 41 2.87 -21.09 9.90
C ASN D 41 1.43 -21.18 10.43
N GLY D 42 1.17 -20.51 11.56
CA GLY D 42 -0.16 -20.49 12.17
C GLY D 42 -0.52 -21.70 13.01
N ASN D 43 0.37 -22.70 13.06
CA ASN D 43 0.14 -23.91 13.85
C ASN D 43 0.70 -23.72 15.26
N LYS D 44 -0.16 -23.89 16.25
CA LYS D 44 0.20 -23.60 17.64
C LYS D 44 1.13 -24.68 18.18
N LEU D 45 2.18 -24.25 18.87
CA LEU D 45 3.09 -25.15 19.56
C LEU D 45 3.19 -24.66 21.00
N GLY D 46 2.66 -25.46 21.93
CA GLY D 46 2.70 -25.13 23.34
C GLY D 46 3.98 -25.62 24.00
N PRO D 47 4.61 -24.79 24.84
CA PRO D 47 5.82 -25.22 25.56
C PRO D 47 5.48 -26.15 26.72
N ALA D 48 6.24 -27.24 26.83
CA ALA D 48 6.01 -28.28 27.82
C ALA D 48 6.63 -27.91 29.17
N SER D 49 7.60 -27.00 29.18
CA SER D 49 8.09 -26.40 30.41
C SER D 49 8.01 -24.87 30.33
N SER D 50 8.20 -24.21 31.46
CA SER D 50 8.31 -22.76 31.49
C SER D 50 9.56 -22.34 30.71
N LEU D 51 9.43 -21.30 29.87
CA LEU D 51 10.42 -21.03 28.84
C LEU D 51 10.68 -19.54 28.77
N GLU D 52 11.86 -19.12 29.19
CA GLU D 52 12.22 -17.70 29.21
C GLU D 52 12.43 -17.15 27.80
N MET D 53 11.93 -15.94 27.60
CA MET D 53 12.10 -15.22 26.35
C MET D 53 13.57 -15.08 25.97
N ASP D 54 14.45 -14.88 26.96
CA ASP D 54 15.87 -14.64 26.67
C ASP D 54 16.66 -15.90 26.26
N PHE D 55 16.02 -17.06 26.34
CA PHE D 55 16.55 -18.23 25.67
C PHE D 55 16.63 -18.04 24.15
N TYR D 56 15.69 -17.28 23.59
CA TYR D 56 15.68 -17.01 22.14
C TYR D 56 16.12 -15.61 21.73
N PHE D 57 15.84 -14.60 22.55
CA PHE D 57 16.09 -13.20 22.15
C PHE D 57 16.58 -12.40 23.32
N ASP D 58 17.55 -11.54 23.01
CA ASP D 58 18.06 -10.54 23.90
C ASP D 58 17.29 -9.29 23.58
N VAL D 59 16.43 -8.88 24.50
CA VAL D 59 15.53 -7.77 24.28
C VAL D 59 15.95 -6.56 25.12
N ASP D 60 15.98 -5.40 24.49
CA ASP D 60 16.03 -4.12 25.18
C ASP D 60 14.60 -3.77 25.59
N VAL D 61 14.24 -4.15 26.81
CA VAL D 61 12.84 -4.07 27.24
C VAL D 61 12.33 -2.63 27.24
N SER D 62 13.20 -1.69 27.61
CA SER D 62 12.83 -0.27 27.68
C SER D 62 12.39 0.31 26.32
N ASN D 63 13.02 -0.13 25.23
CA ASN D 63 12.68 0.33 23.89
C ASN D 63 12.03 -0.71 22.99
N ASN D 64 11.66 -1.84 23.57
CA ASN D 64 10.91 -2.87 22.85
C ASN D 64 11.66 -3.40 21.59
N GLN D 65 12.96 -3.61 21.75
CA GLN D 65 13.84 -3.92 20.63
C GLN D 65 14.61 -5.18 20.91
N VAL D 66 14.62 -6.11 19.96
CA VAL D 66 15.49 -7.25 20.00
C VAL D 66 16.88 -6.72 19.62
N ARG D 67 17.87 -7.07 20.43
CA ARG D 67 19.26 -6.73 20.18
C ARG D 67 19.92 -7.82 19.34
N LYS D 68 19.60 -9.07 19.67
CA LYS D 68 20.16 -10.22 18.98
C LYS D 68 19.35 -11.45 19.30
N PHE D 69 19.50 -12.45 18.45
CA PHE D 69 18.95 -13.78 18.69
C PHE D 69 19.94 -14.64 19.43
N ASN D 70 19.44 -15.42 20.41
CA ASN D 70 20.27 -16.32 21.21
C ASN D 70 20.00 -17.77 20.86
N ASN D 71 20.99 -18.62 21.11
CA ASN D 71 20.84 -20.08 21.00
C ASN D 71 20.27 -20.55 19.68
N VAL D 72 20.90 -20.10 18.60
CA VAL D 72 20.55 -20.57 17.28
C VAL D 72 21.30 -21.86 17.06
N PHE D 73 20.54 -22.93 16.92
CA PHE D 73 21.12 -24.26 16.75
C PHE D 73 21.41 -24.55 15.30
N VAL D 74 22.54 -25.21 15.03
CA VAL D 74 22.97 -25.52 13.67
C VAL D 74 23.17 -27.03 13.56
N LEU D 75 22.45 -27.65 12.65
CA LEU D 75 22.59 -29.07 12.33
C LEU D 75 23.26 -29.23 10.97
N PHE D 76 24.33 -30.03 10.92
CA PHE D 76 25.12 -30.21 9.70
C PHE D 76 24.77 -31.52 9.00
N GLY D 77 24.95 -31.55 7.69
CA GLY D 77 24.67 -32.75 6.89
C GLY D 77 23.22 -32.88 6.47
N VAL D 78 22.49 -31.77 6.52
CA VAL D 78 21.08 -31.74 6.19
C VAL D 78 20.75 -30.48 5.40
N ILE D 79 19.64 -30.53 4.67
CA ILE D 79 19.10 -29.37 3.97
C ILE D 79 17.63 -29.22 4.35
N ALA D 80 17.06 -28.06 4.09
CA ALA D 80 15.66 -27.80 4.40
C ALA D 80 14.95 -27.15 3.22
N THR D 81 13.68 -27.45 3.04
CA THR D 81 12.83 -26.79 2.05
C THR D 81 11.43 -26.65 2.61
N LYS D 82 10.62 -25.82 1.96
CA LYS D 82 9.21 -25.70 2.27
C LYS D 82 8.49 -26.65 1.31
N ASP D 83 7.70 -27.59 1.85
CA ASP D 83 6.92 -28.53 1.04
C ASP D 83 5.44 -28.45 1.44
N SER D 84 4.60 -27.98 0.52
CA SER D 84 3.23 -27.58 0.84
C SER D 84 3.31 -26.45 1.87
N ASN D 85 2.67 -26.60 3.02
CA ASN D 85 2.78 -25.58 4.08
C ASN D 85 3.73 -26.00 5.20
N LYS D 86 4.54 -27.02 4.93
CA LYS D 86 5.34 -27.67 5.95
C LYS D 86 6.85 -27.59 5.73
N ILE D 87 7.60 -27.80 6.80
CA ILE D 87 9.06 -27.81 6.76
C ILE D 87 9.52 -29.23 6.39
N LYS D 88 10.29 -29.34 5.32
CA LYS D 88 10.85 -30.61 4.89
C LYS D 88 12.36 -30.58 5.08
N MET D 89 12.89 -31.46 5.89
CA MET D 89 14.33 -31.56 6.06
C MET D 89 14.78 -32.88 5.45
N GLN D 90 15.92 -32.86 4.76
CA GLN D 90 16.49 -34.06 4.15
C GLN D 90 17.95 -34.24 4.54
N LEU D 91 18.35 -35.49 4.71
CA LEU D 91 19.75 -35.87 4.94
C LEU D 91 20.55 -35.77 3.65
N THR D 92 21.70 -35.11 3.70
CA THR D 92 22.69 -35.17 2.62
C THR D 92 24.01 -35.83 3.07
N LEU D 93 24.30 -35.79 4.37
CA LEU D 93 25.58 -36.22 4.94
C LEU D 93 26.79 -35.42 4.44
N ASN D 94 26.52 -34.30 3.77
CA ASN D 94 27.57 -33.37 3.40
C ASN D 94 27.76 -32.41 4.58
N PRO D 95 28.93 -32.48 5.24
CA PRO D 95 29.15 -31.61 6.39
C PRO D 95 29.12 -30.09 6.11
N CYS D 96 29.26 -29.69 4.85
CA CYS D 96 29.12 -28.27 4.48
C CYS D 96 27.67 -27.82 4.34
N ASP D 97 26.73 -28.75 4.26
CA ASP D 97 25.29 -28.43 4.32
C ASP D 97 24.91 -28.22 5.77
N PHE D 98 24.06 -27.24 6.04
CA PHE D 98 23.55 -27.02 7.40
C PHE D 98 22.17 -26.36 7.39
N VAL D 99 21.44 -26.57 8.48
CA VAL D 99 20.18 -25.91 8.70
C VAL D 99 20.22 -25.30 10.09
N ARG D 100 19.84 -24.04 10.19
CA ARG D 100 19.76 -23.32 11.47
C ARG D 100 18.32 -23.11 11.93
N GLY D 101 18.18 -23.01 13.25
CA GLY D 101 16.87 -22.85 13.82
C GLY D 101 16.88 -22.78 15.32
N PHE D 102 15.70 -23.04 15.88
CA PHE D 102 15.50 -22.97 17.32
C PHE D 102 15.36 -24.38 17.81
N VAL D 103 15.58 -24.58 19.11
CA VAL D 103 15.06 -25.76 19.78
C VAL D 103 13.91 -25.32 20.68
N PHE D 104 12.93 -26.20 20.83
CA PHE D 104 11.69 -25.87 21.53
C PHE D 104 11.22 -27.07 22.35
N PRO D 105 10.79 -26.85 23.61
CA PRO D 105 10.35 -27.95 24.45
C PRO D 105 8.88 -28.29 24.21
N SER D 106 8.59 -29.15 23.24
CA SER D 106 7.19 -29.43 22.94
C SER D 106 6.45 -30.18 24.06
N ASP D 108 4.68 -33.37 22.10
CA ASP D 108 3.29 -33.36 21.63
C ASP D 108 3.20 -33.59 20.12
N PRO D 109 3.13 -34.88 19.70
CA PRO D 109 3.18 -35.21 18.27
C PRO D 109 2.11 -34.53 17.42
N SER D 110 0.91 -34.34 17.98
CA SER D 110 -0.20 -33.72 17.26
C SER D 110 0.20 -32.34 16.67
N GLN D 111 0.72 -31.46 17.52
CA GLN D 111 1.09 -30.14 17.06
C GLN D 111 2.26 -30.19 16.08
N LEU D 112 3.25 -31.05 16.30
CA LEU D 112 4.43 -31.13 15.42
C LEU D 112 4.13 -31.72 14.04
N ASN D 113 3.15 -32.62 13.95
CA ASN D 113 2.78 -33.22 12.67
C ASN D 113 2.21 -32.23 11.65
N ASN D 114 1.56 -31.17 12.15
CA ASN D 114 1.05 -30.09 11.28
C ASN D 114 2.17 -29.19 10.73
N ILE D 115 3.32 -29.20 11.39
CA ILE D 115 4.43 -28.31 11.04
C ILE D 115 5.43 -28.95 10.08
N PHE D 116 5.64 -30.26 10.21
CA PHE D 116 6.67 -30.94 9.43
C PHE D 116 6.10 -31.83 8.35
N ALA D 117 6.83 -31.91 7.23
CA ALA D 117 6.39 -32.67 6.08
C ALA D 117 6.38 -34.20 6.34
N SER D 118 7.29 -34.65 7.20
CA SER D 118 7.39 -36.08 7.53
C SER D 118 6.93 -36.32 8.95
N ASN D 119 6.28 -37.46 9.18
CA ASN D 119 6.11 -37.97 10.54
C ASN D 119 7.43 -38.50 11.08
N ASN D 120 8.30 -38.91 10.16
CA ASN D 120 9.58 -39.49 10.50
C ASN D 120 10.48 -38.52 11.27
N LYS D 121 10.83 -38.89 12.49
CA LYS D 121 11.77 -38.15 13.31
C LYS D 121 12.84 -39.08 13.86
N VAL D 122 14.00 -38.53 14.16
CA VAL D 122 15.07 -39.26 14.87
C VAL D 122 15.61 -38.41 16.01
N SER D 123 16.14 -39.07 17.04
CA SER D 123 16.85 -38.39 18.11
C SER D 123 18.29 -38.16 17.71
N VAL D 124 18.77 -36.95 17.95
CA VAL D 124 20.14 -36.58 17.65
C VAL D 124 20.75 -36.01 18.90
N SER D 125 21.98 -36.40 19.17
CA SER D 125 22.68 -35.91 20.34
C SER D 125 22.76 -34.39 20.29
N GLU D 126 22.52 -33.76 21.43
CA GLU D 126 22.65 -32.32 21.53
C GLU D 126 24.06 -31.87 21.17
N LYS D 127 25.05 -32.73 21.41
CA LYS D 127 26.44 -32.38 21.11
C LYS D 127 26.74 -32.32 19.60
N ALA D 128 25.84 -32.87 18.79
CA ALA D 128 25.97 -32.85 17.34
C ALA D 128 25.76 -31.46 16.74
N PHE D 129 25.02 -30.61 17.45
CA PHE D 129 24.70 -29.27 16.97
C PHE D 129 25.77 -28.25 17.33
N ALA D 130 25.99 -27.28 16.45
CA ALA D 130 26.67 -26.05 16.82
C ALA D 130 25.58 -25.12 17.38
N ILE D 131 25.96 -24.25 18.32
CA ILE D 131 25.02 -23.26 18.86
C ILE D 131 25.66 -21.88 18.65
N LEU D 132 24.97 -21.01 17.93
CA LEU D 132 25.41 -19.62 17.71
C LEU D 132 24.78 -18.68 18.73
N ASN D 133 25.54 -17.69 19.17
CA ASN D 133 25.10 -16.79 20.26
C ASN D 133 24.59 -17.58 21.47
N ARG D 134 25.37 -18.58 21.89
CA ARG D 134 24.99 -19.41 23.03
C ARG D 134 24.76 -18.54 24.27
N LYS D 135 23.70 -18.85 25.01
CA LYS D 135 23.43 -18.20 26.30
C LYS D 135 22.50 -19.09 27.16
N LYS D 136 23.01 -19.54 28.31
CA LYS D 136 22.17 -20.30 29.27
C LYS D 136 21.32 -21.43 28.63
N GLU D 137 22.01 -22.35 27.97
CA GLU D 137 21.40 -23.47 27.23
C GLU D 137 21.33 -24.78 28.05
N GLY D 138 21.63 -24.72 29.35
CA GLY D 138 21.59 -25.90 30.21
C GLY D 138 20.23 -26.55 30.36
N ALA D 139 19.15 -25.80 30.11
CA ALA D 139 17.79 -26.34 30.16
C ALA D 139 17.50 -27.40 29.08
N VAL D 140 18.17 -27.30 27.93
CA VAL D 140 17.90 -28.21 26.82
C VAL D 140 18.25 -29.67 27.14
N SER D 141 17.49 -30.62 26.59
CA SER D 141 17.72 -32.05 26.83
C SER D 141 18.99 -32.50 26.13
N SER D 142 19.50 -33.67 26.49
CA SER D 142 20.74 -34.20 25.92
C SER D 142 20.58 -34.77 24.51
N THR D 143 19.35 -35.09 24.12
CA THR D 143 19.03 -35.41 22.74
C THR D 143 17.91 -34.50 22.26
N ILE D 144 17.92 -34.23 20.96
CA ILE D 144 16.97 -33.35 20.30
C ILE D 144 16.25 -34.13 19.21
N ASN D 145 14.93 -33.98 19.14
CA ASN D 145 14.14 -34.60 18.07
C ASN D 145 14.25 -33.79 16.80
N VAL D 146 14.60 -34.48 15.72
CA VAL D 146 14.77 -33.87 14.41
C VAL D 146 13.89 -34.57 13.38
N TYR D 147 13.02 -33.78 12.74
CA TYR D 147 12.07 -34.30 11.75
C TYR D 147 12.70 -34.27 10.36
N ILE D 148 13.05 -35.46 9.87
CA ILE D 148 13.82 -35.60 8.64
C ILE D 148 13.18 -36.71 7.82
N THR D 149 13.07 -36.53 6.50
CA THR D 149 12.46 -37.57 5.66
C THR D 149 13.40 -38.77 5.56
N GLN D 150 12.89 -39.88 5.04
CA GLN D 150 13.67 -41.12 4.94
C GLN D 150 14.52 -41.18 3.67
N ASN D 151 14.36 -40.16 2.81
CA ASN D 151 15.00 -40.16 1.50
C ASN D 151 16.09 -39.08 1.42
N THR D 152 17.32 -39.51 1.14
CA THR D 152 18.46 -38.60 1.04
C THR D 152 18.32 -37.69 -0.17
N TYR D 153 18.98 -36.54 -0.09
CA TYR D 153 19.11 -35.65 -1.25
C TYR D 153 20.57 -35.64 -1.69
N THR D 154 20.79 -35.94 -2.97
CA THR D 154 22.13 -36.09 -3.55
C THR D 154 22.46 -35.03 -4.61
N GLY D 155 21.54 -34.09 -4.84
CA GLY D 155 21.77 -33.02 -5.80
C GLY D 155 22.61 -31.90 -5.20
N ASN D 156 22.77 -30.82 -5.98
CA ASN D 156 23.49 -29.64 -5.52
C ASN D 156 22.66 -28.82 -4.57
N THR D 157 23.33 -28.13 -3.66
CA THR D 157 22.66 -27.33 -2.65
C THR D 157 23.16 -25.90 -2.74
N LYS D 158 22.41 -24.99 -2.13
CA LYS D 158 22.78 -23.58 -2.01
C LYS D 158 22.27 -23.04 -0.68
N ILE D 159 22.86 -21.94 -0.24
CA ILE D 159 22.47 -21.28 1.01
C ILE D 159 21.37 -20.27 0.74
N GLU D 160 20.32 -20.31 1.55
CA GLU D 160 19.25 -19.33 1.46
C GLU D 160 19.10 -18.59 2.78
N LYS D 161 18.63 -17.34 2.71
CA LYS D 161 18.37 -16.51 3.89
C LYS D 161 16.87 -16.26 4.07
N ILE D 162 16.45 -15.88 5.27
CA ILE D 162 15.03 -15.58 5.54
C ILE D 162 14.70 -14.11 5.25
N GLN D 163 13.41 -13.77 5.33
CA GLN D 163 12.90 -12.44 4.98
C GLN D 163 12.57 -11.65 6.22
N GLN D 164 12.32 -10.36 6.06
CA GLN D 164 12.17 -9.45 7.20
C GLN D 164 11.07 -9.74 8.19
N ASN D 165 9.93 -10.27 7.74
CA ASN D 165 8.81 -10.53 8.67
C ASN D 165 8.57 -12.05 8.88
N THR D 166 9.67 -12.80 8.89
CA THR D 166 9.62 -14.25 9.10
C THR D 166 9.43 -14.55 10.57
N ILE D 167 10.10 -13.78 11.43
CA ILE D 167 9.99 -13.91 12.87
C ILE D 167 9.23 -12.71 13.41
N ILE D 168 8.23 -12.99 14.23
CA ILE D 168 7.44 -11.94 14.86
C ILE D 168 7.34 -12.26 16.35
N ILE D 169 7.61 -11.26 17.19
CA ILE D 169 7.55 -11.49 18.63
C ILE D 169 6.49 -10.57 19.19
N GLU D 170 5.50 -11.17 19.84
CA GLU D 170 4.31 -10.45 20.30
C GLU D 170 4.17 -10.56 21.81
N LYS D 171 4.21 -9.44 22.53
CA LYS D 171 3.81 -9.49 23.93
C LYS D 171 2.31 -9.69 24.02
N ASN D 172 1.85 -10.26 25.13
CA ASN D 172 0.45 -10.61 25.20
C ASN D 172 -0.42 -9.36 25.37
N THR D 173 0.19 -8.20 25.61
CA THR D 173 -0.53 -6.91 25.56
C THR D 173 -0.86 -6.45 24.12
N GLY D 174 -0.28 -7.10 23.11
CA GLY D 174 -0.38 -6.64 21.71
C GLY D 174 0.87 -5.89 21.21
N ILE D 175 1.72 -5.52 22.14
CA ILE D 175 3.01 -4.89 21.83
C ILE D 175 3.97 -5.83 21.09
N VAL D 176 4.56 -5.33 20.02
CA VAL D 176 5.43 -6.12 19.16
C VAL D 176 6.87 -5.67 19.43
N PHE D 177 7.80 -6.60 19.51
CA PHE D 177 9.21 -6.24 19.62
C PHE D 177 9.77 -5.94 18.23
N LYS D 178 10.52 -4.85 18.12
CA LYS D 178 11.21 -4.55 16.87
C LYS D 178 12.40 -5.48 16.69
N ILE D 179 12.57 -6.04 15.50
CA ILE D 179 13.71 -6.90 15.17
C ILE D 179 14.53 -6.27 14.06
N PRO D 180 15.80 -5.91 14.33
CA PRO D 180 16.58 -5.29 13.25
C PRO D 180 16.89 -6.30 12.19
N ASN D 181 16.87 -5.84 10.95
CA ASN D 181 17.01 -6.73 9.79
C ASN D 181 18.35 -7.44 9.76
N ASP D 182 19.42 -6.75 10.16
CA ASP D 182 20.75 -7.33 10.16
C ASP D 182 20.85 -8.53 11.10
N MET D 183 20.12 -8.51 12.21
CA MET D 183 20.22 -9.61 13.14
C MET D 183 19.48 -10.88 12.66
N LEU D 184 18.57 -10.77 11.69
CA LEU D 184 17.91 -11.93 11.05
C LEU D 184 18.84 -12.72 10.13
N ASN D 185 19.96 -12.11 9.72
CA ASN D 185 20.97 -12.80 8.90
C ASN D 185 21.52 -14.09 9.51
N ILE D 186 21.38 -14.24 10.83
CA ILE D 186 21.81 -15.45 11.52
C ILE D 186 21.02 -16.66 11.09
N PHE D 187 19.81 -16.47 10.56
CA PHE D 187 19.01 -17.59 10.10
C PHE D 187 19.25 -17.81 8.59
N ARG D 188 20.01 -18.85 8.29
CA ARG D 188 20.49 -19.17 6.98
C ARG D 188 20.47 -20.67 6.94
N TYR D 189 20.33 -21.24 5.75
CA TYR D 189 20.31 -22.67 5.66
C TYR D 189 20.55 -23.15 4.23
N SER D 190 20.96 -24.41 4.14
CA SER D 190 21.21 -25.07 2.87
C SER D 190 19.88 -25.62 2.35
N THR D 191 19.65 -25.43 1.07
CA THR D 191 18.40 -25.86 0.44
C THR D 191 18.71 -26.37 -0.98
N THR D 192 17.69 -26.77 -1.74
CA THR D 192 17.88 -27.31 -3.09
C THR D 192 17.95 -26.22 -4.15
#